data_3QKZ
#
_entry.id   3QKZ
#
_cell.length_a   50.859
_cell.length_b   69.302
_cell.length_c   87.946
_cell.angle_alpha   90.00
_cell.angle_beta   96.01
_cell.angle_gamma   90.00
#
_symmetry.space_group_name_H-M   'P 1 21 1'
#
loop_
_entity.id
_entity.type
_entity.pdbx_description
1 polymer 'Aldo-keto reductase family 1, member B7'
2 non-polymer 'NADP NICOTINAMIDE-ADENINE-DINUCLEOTIDE PHOSPHATE'
3 water water
#
_entity_poly.entity_id   1
_entity_poly.type   'polypeptide(L)'
_entity_poly.pdbx_seq_one_letter_code
;MTTFVKLRTKAKMPLVGLGTWKSPPGQVKEAVKAAIDAGYRHFDCAYVYQNESEVGEAIQEKIKEKAVRREDLFIVSKLW
STFFEKSLMKEAFQKTLSDLKLDYLDLYLIHWPQGLQAGKEFLPKDSQGKVLMSKSTFLDAWEGMEELVDQGLVKALGVS
NFNHFQIERLLNKPGLKHKPVTNQVECHPYLTQEKLIQYCHSKGIAVIAYSPLGSPDRPYAKPEDPVVLEIPKIKEIAAK
HKKTIAQVLIRFHVQRNVAVIPKSVTLSRIKENIQVFDFQLSEEDMAAILSLNRNWRACGLFVTSDEEDFPFHEEY
;
_entity_poly.pdbx_strand_id   A,B
#
loop_
_chem_comp.id
_chem_comp.type
_chem_comp.name
_chem_comp.formula
NAP non-polymer 'NADP NICOTINAMIDE-ADENINE-DINUCLEOTIDE PHOSPHATE' 'C21 H28 N7 O17 P3'
#
# COMPACT_ATOMS: atom_id res chain seq x y z
N THR A 2 11.10 3.91 27.74
CA THR A 2 11.93 3.94 26.52
C THR A 2 11.46 2.86 25.54
N THR A 3 11.65 3.11 24.25
CA THR A 3 11.23 2.18 23.22
C THR A 3 12.45 1.56 22.58
N PHE A 4 13.62 2.00 23.04
CA PHE A 4 14.87 1.47 22.49
C PHE A 4 15.90 1.02 23.54
N VAL A 5 16.88 0.30 23.11
CA VAL A 5 18.02 0.03 23.95
C VAL A 5 19.24 0.58 23.20
N LYS A 6 20.09 1.30 23.93
CA LYS A 6 21.20 1.92 23.28
C LYS A 6 22.36 0.93 23.19
N LEU A 7 22.91 0.68 22.00
CA LEU A 7 23.96 -0.33 21.87
C LEU A 7 25.32 0.28 22.37
N ARG A 8 26.36 -0.55 22.43
CA ARG A 8 27.69 -0.05 22.77
C ARG A 8 28.12 1.13 21.88
N THR A 9 27.73 1.09 20.61
CA THR A 9 28.11 2.12 19.66
C THR A 9 27.32 3.43 19.85
N LYS A 10 26.35 3.43 20.77
CA LYS A 10 25.37 4.48 21.03
C LYS A 10 24.21 4.56 20.02
N ALA A 11 24.21 3.66 19.03
CA ALA A 11 23.10 3.62 18.09
C ALA A 11 21.94 3.09 18.94
N LYS A 12 20.72 3.46 18.61
CA LYS A 12 19.52 3.07 19.34
C LYS A 12 18.86 1.90 18.59
N MET A 13 18.70 0.75 19.26
CA MET A 13 17.99 -0.40 18.69
C MET A 13 16.58 -0.40 19.24
N PRO A 14 15.51 -0.27 18.38
CA PRO A 14 14.13 -0.31 18.89
C PRO A 14 13.87 -1.65 19.60
N LEU A 15 13.19 -1.63 20.75
CA LEU A 15 12.91 -2.83 21.55
C LEU A 15 11.93 -3.81 20.92
N VAL A 16 11.08 -3.32 20.00
CA VAL A 16 10.16 -4.19 19.30
C VAL A 16 10.49 -4.15 17.82
N GLY A 17 10.64 -5.33 17.21
CA GLY A 17 10.95 -5.38 15.75
C GLY A 17 10.03 -6.44 15.12
N LEU A 18 9.90 -6.46 13.79
CA LEU A 18 9.09 -7.48 13.13
C LEU A 18 10.00 -8.64 12.71
N GLY A 19 9.69 -9.85 13.18
CA GLY A 19 10.36 -11.06 12.75
C GLY A 19 9.82 -11.51 11.40
N THR A 20 10.65 -12.17 10.60
CA THR A 20 10.21 -12.60 9.28
C THR A 20 10.38 -14.10 8.97
N TRP A 21 11.14 -14.81 9.81
CA TRP A 21 11.34 -16.28 9.54
C TRP A 21 10.02 -16.99 9.34
N LYS A 22 9.90 -17.72 8.23
CA LYS A 22 8.67 -18.43 7.90
C LYS A 22 7.54 -17.56 7.31
N SER A 23 7.83 -16.29 7.04
CA SER A 23 6.86 -15.43 6.37
C SER A 23 6.91 -15.77 4.85
N PRO A 24 5.80 -16.27 4.25
CA PRO A 24 5.96 -16.63 2.80
C PRO A 24 6.35 -15.41 1.91
N PRO A 25 7.09 -15.70 0.84
CA PRO A 25 7.56 -14.55 0.08
C PRO A 25 6.46 -13.65 -0.51
N GLY A 26 5.29 -14.21 -0.80
CA GLY A 26 4.12 -13.47 -1.29
C GLY A 26 3.31 -12.69 -0.24
N GLN A 27 3.58 -12.93 1.07
CA GLN A 27 2.96 -12.28 2.24
C GLN A 27 3.84 -11.30 3.06
N VAL A 28 5.16 -11.38 2.90
CA VAL A 28 6.05 -10.61 3.74
C VAL A 28 6.11 -9.17 3.32
N LYS A 29 5.91 -8.86 2.04
CA LYS A 29 5.92 -7.46 1.62
C LYS A 29 4.78 -6.68 2.30
N GLU A 30 3.58 -7.25 2.28
CA GLU A 30 2.47 -6.58 2.95
C GLU A 30 2.65 -6.51 4.48
N ALA A 31 3.21 -7.56 5.09
CA ALA A 31 3.38 -7.55 6.54
C ALA A 31 4.33 -6.37 6.87
N VAL A 32 5.36 -6.17 6.07
CA VAL A 32 6.38 -5.15 6.44
C VAL A 32 5.78 -3.76 6.21
N LYS A 33 5.01 -3.62 5.11
CA LYS A 33 4.24 -2.37 4.92
C LYS A 33 3.30 -2.06 6.08
N ALA A 34 2.53 -3.05 6.49
CA ALA A 34 1.65 -2.88 7.65
C ALA A 34 2.43 -2.54 8.93
N ALA A 35 3.56 -3.22 9.15
CA ALA A 35 4.41 -2.93 10.32
C ALA A 35 4.89 -1.49 10.30
N ILE A 36 5.41 -1.06 9.17
CA ILE A 36 5.89 0.33 9.10
C ILE A 36 4.76 1.28 9.45
N ASP A 37 3.59 1.04 8.88
CA ASP A 37 2.44 1.90 9.18
C ASP A 37 1.98 1.83 10.67
N ALA A 38 2.24 0.72 11.35
CA ALA A 38 1.89 0.60 12.76
C ALA A 38 3.07 1.15 13.62
N GLY A 39 4.10 1.68 12.95
CA GLY A 39 5.22 2.32 13.69
C GLY A 39 6.42 1.44 14.02
N TYR A 40 6.50 0.23 13.46
CA TYR A 40 7.71 -0.57 13.60
C TYR A 40 8.85 0.06 12.84
N ARG A 41 10.03 -0.02 13.43
CA ARG A 41 11.24 0.50 12.82
C ARG A 41 12.36 -0.51 12.82
N HIS A 42 12.21 -1.61 13.57
CA HIS A 42 13.21 -2.65 13.58
C HIS A 42 12.67 -3.86 12.76
N PHE A 43 13.48 -4.35 11.83
CA PHE A 43 13.05 -5.46 10.98
C PHE A 43 14.12 -6.54 10.94
N ASP A 44 13.74 -7.76 11.29
CA ASP A 44 14.72 -8.83 11.35
C ASP A 44 14.54 -9.75 10.11
N CYS A 45 15.59 -9.89 9.30
CA CYS A 45 15.52 -10.71 8.11
C CYS A 45 16.78 -11.56 8.02
N ALA A 46 16.82 -12.49 7.07
CA ALA A 46 18.01 -13.33 6.92
C ALA A 46 18.07 -13.82 5.49
N TYR A 47 19.28 -14.05 5.04
CA TYR A 47 19.52 -14.71 3.73
C TYR A 47 18.74 -16.01 3.60
N VAL A 48 18.75 -16.84 4.63
CA VAL A 48 18.13 -18.15 4.52
C VAL A 48 16.63 -18.12 4.59
N TYR A 49 16.02 -17.00 4.95
CA TYR A 49 14.54 -16.91 4.91
C TYR A 49 14.02 -16.77 3.44
N GLN A 50 14.93 -16.48 2.53
CA GLN A 50 14.66 -16.18 1.08
C GLN A 50 13.49 -15.28 0.85
N ASN A 51 13.35 -14.30 1.70
CA ASN A 51 12.28 -13.34 1.46
C ASN A 51 12.78 -11.93 1.56
N GLU A 52 14.10 -11.77 1.49
CA GLU A 52 14.68 -10.44 1.65
C GLU A 52 14.26 -9.50 0.49
N SER A 53 14.09 -10.01 -0.74
CA SER A 53 13.69 -9.14 -1.83
C SER A 53 12.35 -8.48 -1.54
N GLU A 54 11.43 -9.26 -0.98
CA GLU A 54 10.09 -8.73 -0.70
C GLU A 54 10.07 -7.75 0.46
N VAL A 55 10.89 -8.01 1.46
CA VAL A 55 11.13 -7.01 2.52
C VAL A 55 11.71 -5.74 1.94
N GLY A 56 12.70 -5.85 1.03
CA GLY A 56 13.28 -4.65 0.47
C GLY A 56 12.31 -3.85 -0.40
N GLU A 57 11.40 -4.50 -1.13
CA GLU A 57 10.36 -3.77 -1.86
C GLU A 57 9.47 -2.95 -0.93
N ALA A 58 9.08 -3.58 0.17
CA ALA A 58 8.24 -2.95 1.17
C ALA A 58 8.94 -1.74 1.74
N ILE A 59 10.20 -1.89 2.12
CA ILE A 59 10.91 -0.74 2.70
C ILE A 59 11.06 0.41 1.71
N GLN A 60 11.35 0.05 0.46
CA GLN A 60 11.60 1.08 -0.52
C GLN A 60 10.33 1.89 -0.82
N GLU A 61 9.19 1.20 -0.88
CA GLU A 61 7.91 1.80 -1.14
C GLU A 61 7.54 2.74 -0.03
N LYS A 62 7.84 2.36 1.23
CA LYS A 62 7.49 3.24 2.35
C LYS A 62 8.43 4.42 2.45
N ILE A 63 9.72 4.23 2.14
CA ILE A 63 10.59 5.39 2.03
C ILE A 63 10.18 6.39 0.95
N LYS A 64 9.84 5.88 -0.24
CA LYS A 64 9.45 6.71 -1.38
C LYS A 64 8.18 7.50 -1.07
N GLU A 65 7.26 6.87 -0.36
CA GLU A 65 6.02 7.49 0.09
C GLU A 65 6.23 8.52 1.25
N LYS A 66 7.46 8.67 1.75
CA LYS A 66 7.81 9.54 2.90
C LYS A 66 7.23 9.08 4.24
N ALA A 67 6.75 7.82 4.30
CA ALA A 67 6.21 7.23 5.50
C ALA A 67 7.30 7.09 6.58
N VAL A 68 8.56 6.94 6.18
CA VAL A 68 9.63 6.71 7.14
C VAL A 68 10.94 7.07 6.44
N ARG A 69 11.90 7.53 7.22
CA ARG A 69 13.21 7.89 6.69
C ARG A 69 14.16 6.72 6.93
N ARG A 70 15.11 6.46 6.01
CA ARG A 70 16.08 5.35 6.17
C ARG A 70 16.75 5.39 7.56
N GLU A 71 17.15 6.58 8.00
CA GLU A 71 17.92 6.74 9.23
C GLU A 71 17.09 6.34 10.48
N ASP A 72 15.78 6.23 10.32
CA ASP A 72 14.98 5.87 11.48
C ASP A 72 14.67 4.37 11.47
N LEU A 73 15.07 3.66 10.43
CA LEU A 73 14.89 2.21 10.41
C LEU A 73 16.12 1.51 11.03
N PHE A 74 15.89 0.32 11.58
CA PHE A 74 16.97 -0.53 12.12
C PHE A 74 16.75 -1.89 11.44
N ILE A 75 17.52 -2.10 10.37
CA ILE A 75 17.40 -3.30 9.57
C ILE A 75 18.49 -4.30 9.92
N VAL A 76 18.13 -5.54 10.19
CA VAL A 76 19.09 -6.57 10.60
C VAL A 76 19.06 -7.68 9.57
N SER A 77 20.22 -8.22 9.21
CA SER A 77 20.21 -9.47 8.46
C SER A 77 21.31 -10.35 9.03
N LYS A 78 21.49 -11.51 8.43
CA LYS A 78 22.36 -12.50 9.06
C LYS A 78 23.13 -13.28 8.01
N LEU A 79 24.38 -13.60 8.32
CA LEU A 79 25.23 -14.39 7.43
C LEU A 79 24.96 -15.84 7.70
N TRP A 80 24.59 -16.61 6.68
CA TRP A 80 24.38 -18.06 6.88
C TRP A 80 25.75 -18.83 6.94
N SER A 81 25.75 -19.94 7.68
CA SER A 81 26.92 -20.72 8.07
C SER A 81 27.63 -21.39 6.87
N THR A 82 26.92 -21.55 5.77
CA THR A 82 27.65 -21.95 4.53
C THR A 82 28.55 -20.92 3.91
N PHE A 83 28.59 -19.70 4.47
CA PHE A 83 29.25 -18.56 3.83
C PHE A 83 30.36 -17.97 4.68
N PHE A 84 30.88 -18.74 5.65
CA PHE A 84 31.91 -18.21 6.56
C PHE A 84 33.20 -17.77 5.82
N GLU A 85 33.61 -18.52 4.79
CA GLU A 85 34.81 -18.14 4.04
C GLU A 85 34.68 -16.67 3.63
N LYS A 86 35.78 -15.92 3.63
CA LYS A 86 35.63 -14.47 3.36
C LYS A 86 35.09 -14.09 1.95
N SER A 87 35.57 -14.72 0.87
CA SER A 87 35.05 -14.32 -0.47
C SER A 87 33.56 -14.67 -0.64
N LEU A 88 33.17 -15.79 -0.03
CA LEU A 88 31.80 -16.27 -0.11
C LEU A 88 30.92 -15.37 0.73
N MET A 89 31.47 -14.94 1.87
CA MET A 89 30.81 -14.03 2.74
C MET A 89 30.51 -12.74 1.98
N LYS A 90 31.48 -12.24 1.21
CA LYS A 90 31.25 -10.95 0.51
C LYS A 90 30.17 -11.08 -0.53
N GLU A 91 30.09 -12.21 -1.22
CA GLU A 91 29.04 -12.37 -2.22
C GLU A 91 27.63 -12.51 -1.57
N ALA A 92 27.60 -13.25 -0.47
CA ALA A 92 26.32 -13.47 0.26
C ALA A 92 25.83 -12.14 0.79
N PHE A 93 26.72 -11.34 1.38
CA PHE A 93 26.31 -10.09 1.93
C PHE A 93 25.79 -9.15 0.85
N GLN A 94 26.46 -9.14 -0.31
CA GLN A 94 26.13 -8.15 -1.35
C GLN A 94 24.74 -8.54 -1.86
N LYS A 95 24.45 -9.84 -1.81
CA LYS A 95 23.14 -10.32 -2.32
C LYS A 95 22.04 -9.89 -1.32
N THR A 96 22.36 -10.01 -0.04
CA THR A 96 21.44 -9.61 1.02
C THR A 96 21.22 -8.10 1.00
N LEU A 97 22.27 -7.34 0.69
CA LEU A 97 22.13 -5.87 0.64
C LEU A 97 21.40 -5.49 -0.63
N SER A 98 21.72 -6.16 -1.75
CA SER A 98 21.03 -5.87 -3.01
C SER A 98 19.55 -6.23 -2.95
N ASP A 99 19.23 -7.41 -2.38
CA ASP A 99 17.80 -7.84 -2.21
C ASP A 99 16.98 -6.84 -1.38
N LEU A 100 17.60 -6.30 -0.35
CA LEU A 100 16.93 -5.38 0.57
C LEU A 100 16.93 -3.98 0.04
N LYS A 101 17.71 -3.74 -1.03
CA LYS A 101 17.74 -2.45 -1.76
C LYS A 101 18.25 -1.36 -0.86
N LEU A 102 19.22 -1.69 0.02
CA LEU A 102 19.74 -0.71 0.99
C LEU A 102 21.15 -0.31 0.65
N ASP A 103 21.60 0.84 1.16
CA ASP A 103 22.98 1.21 1.04
C ASP A 103 23.91 0.64 2.17
N TYR A 104 23.33 0.27 3.32
CA TYR A 104 24.05 -0.24 4.50
C TYR A 104 23.03 -1.05 5.33
N LEU A 105 23.52 -2.00 6.12
CA LEU A 105 22.68 -2.61 7.17
C LEU A 105 22.99 -1.97 8.51
N ASP A 106 22.02 -1.91 9.41
CA ASP A 106 22.31 -1.43 10.74
C ASP A 106 23.04 -2.49 11.57
N LEU A 107 22.79 -3.76 11.26
CA LEU A 107 23.28 -4.90 12.10
C LEU A 107 23.39 -6.12 11.22
N TYR A 108 24.55 -6.75 11.23
CA TYR A 108 24.70 -8.00 10.52
C TYR A 108 25.17 -9.04 11.49
N LEU A 109 24.47 -10.18 11.52
CA LEU A 109 24.74 -11.16 12.55
C LEU A 109 25.35 -12.40 12.01
N ILE A 110 26.18 -13.08 12.81
CA ILE A 110 26.49 -14.46 12.51
C ILE A 110 25.20 -15.25 12.90
N HIS A 111 24.62 -15.99 11.96
CA HIS A 111 23.37 -16.71 12.24
C HIS A 111 23.45 -17.89 13.23
N TRP A 112 24.50 -18.67 13.10
CA TRP A 112 24.72 -19.86 13.92
C TRP A 112 26.22 -19.88 14.11
N PRO A 113 26.70 -20.49 15.18
CA PRO A 113 28.15 -20.52 15.38
C PRO A 113 28.95 -21.60 14.66
N GLN A 114 28.31 -22.69 14.23
CA GLN A 114 29.03 -23.75 13.42
C GLN A 114 29.06 -23.38 11.95
N GLY A 115 30.19 -23.62 11.28
CA GLY A 115 30.27 -23.37 9.84
C GLY A 115 29.81 -24.62 9.11
N LEU A 116 29.14 -24.44 7.98
CA LEU A 116 28.61 -25.56 7.26
C LEU A 116 29.24 -25.57 5.86
N GLN A 117 29.37 -26.76 5.28
CA GLN A 117 30.09 -26.88 4.00
C GLN A 117 29.49 -25.98 2.89
N ALA A 118 30.32 -25.23 2.16
CA ALA A 118 29.83 -24.35 1.08
C ALA A 118 29.23 -25.17 -0.05
N GLY A 119 28.26 -24.60 -0.75
CA GLY A 119 27.68 -25.22 -1.93
C GLY A 119 26.34 -24.56 -2.07
N LYS A 120 25.44 -25.18 -2.82
CA LYS A 120 24.17 -24.55 -3.12
C LYS A 120 23.20 -24.70 -1.94
N GLU A 121 23.24 -25.82 -1.25
CA GLU A 121 22.27 -26.10 -0.21
C GLU A 121 22.59 -25.36 1.09
N PHE A 122 21.55 -25.02 1.86
CA PHE A 122 21.73 -24.36 3.15
C PHE A 122 22.09 -25.38 4.22
N LEU A 123 21.68 -26.62 4.03
CA LEU A 123 21.93 -27.63 5.03
C LEU A 123 22.59 -28.81 4.31
N PRO A 124 23.89 -28.67 3.97
CA PRO A 124 24.49 -29.71 3.12
C PRO A 124 24.58 -31.04 3.86
N LYS A 125 24.28 -32.13 3.14
CA LYS A 125 24.33 -33.48 3.66
C LYS A 125 25.08 -34.41 2.70
N ASP A 126 25.76 -35.41 3.28
CA ASP A 126 26.29 -36.55 2.53
C ASP A 126 25.15 -37.55 2.18
N SER A 127 25.47 -38.65 1.49
CA SER A 127 24.54 -39.78 1.24
C SER A 127 23.77 -40.37 2.44
N GLN A 128 24.44 -40.53 3.58
CA GLN A 128 23.77 -40.94 4.81
C GLN A 128 22.68 -39.92 5.28
N GLY A 129 22.81 -38.67 4.85
CA GLY A 129 21.93 -37.58 5.32
C GLY A 129 22.51 -36.86 6.53
N LYS A 130 23.77 -37.18 6.83
CA LYS A 130 24.60 -36.47 7.78
C LYS A 130 24.98 -35.07 7.26
N VAL A 131 24.67 -34.04 8.06
CA VAL A 131 25.06 -32.62 7.71
C VAL A 131 26.57 -32.43 7.66
N LEU A 132 27.05 -31.76 6.61
CA LEU A 132 28.46 -31.58 6.38
C LEU A 132 28.95 -30.25 6.93
N MET A 133 30.02 -30.26 7.72
CA MET A 133 30.53 -29.03 8.31
C MET A 133 31.61 -28.39 7.44
N SER A 134 32.00 -27.16 7.75
CA SER A 134 33.11 -26.55 7.00
C SER A 134 34.34 -26.44 7.88
N LYS A 135 35.42 -25.96 7.29
CA LYS A 135 36.71 -25.70 7.97
C LYS A 135 36.82 -24.24 8.46
N SER A 136 35.78 -23.47 8.24
CA SER A 136 35.78 -22.06 8.62
C SER A 136 35.02 -21.90 9.92
N THR A 137 35.55 -21.10 10.83
CA THR A 137 34.94 -20.93 12.14
C THR A 137 34.22 -19.59 12.14
N PHE A 138 33.47 -19.33 13.21
CA PHE A 138 32.90 -18.00 13.37
C PHE A 138 33.92 -16.91 13.53
N LEU A 139 35.10 -17.27 14.01
CA LEU A 139 36.19 -16.32 14.14
C LEU A 139 36.50 -15.93 12.68
N ASP A 140 36.87 -16.93 11.87
CA ASP A 140 37.15 -16.68 10.42
C ASP A 140 36.11 -15.78 9.76
N ALA A 141 34.82 -16.05 9.99
CA ALA A 141 33.76 -15.24 9.41
C ALA A 141 33.80 -13.80 9.91
N TRP A 142 34.02 -13.63 11.21
CA TRP A 142 34.09 -12.29 11.82
C TRP A 142 35.10 -11.33 11.16
N GLU A 143 36.31 -11.85 10.91
CA GLU A 143 37.35 -11.09 10.13
C GLU A 143 36.87 -10.54 8.84
N GLY A 144 36.18 -11.35 8.03
CA GLY A 144 35.46 -10.85 6.86
C GLY A 144 34.44 -9.76 7.12
N MET A 145 33.61 -9.99 8.14
CA MET A 145 32.52 -9.10 8.45
C MET A 145 33.03 -7.72 8.94
N GLU A 146 34.16 -7.70 9.63
CA GLU A 146 34.75 -6.47 10.11
C GLU A 146 35.09 -5.51 8.98
N GLU A 147 35.50 -6.06 7.85
CA GLU A 147 35.75 -5.22 6.67
C GLU A 147 34.51 -4.45 6.23
N LEU A 148 33.36 -5.11 6.32
CA LEU A 148 32.10 -4.44 5.99
C LEU A 148 31.84 -3.20 6.83
N VAL A 149 32.22 -3.25 8.13
CA VAL A 149 32.02 -2.15 9.03
C VAL A 149 32.95 -1.00 8.56
N ASP A 150 34.21 -1.36 8.35
CA ASP A 150 35.20 -0.33 7.91
C ASP A 150 34.79 0.35 6.60
N GLN A 151 34.20 -0.43 5.67
CA GLN A 151 33.61 0.05 4.47
C GLN A 151 32.35 0.89 4.59
N GLY A 152 31.71 0.97 5.76
CA GLY A 152 30.45 1.69 5.88
C GLY A 152 29.22 0.92 5.38
N LEU A 153 29.38 -0.36 5.02
CA LEU A 153 28.27 -1.17 4.52
C LEU A 153 27.38 -1.76 5.66
N VAL A 154 27.94 -1.78 6.87
CA VAL A 154 27.26 -2.34 8.05
C VAL A 154 27.64 -1.44 9.24
N LYS A 155 26.62 -0.97 10.00
CA LYS A 155 26.91 -0.08 11.11
C LYS A 155 27.52 -0.84 12.29
N ALA A 156 27.07 -2.07 12.50
CA ALA A 156 27.57 -2.88 13.61
C ALA A 156 27.39 -4.37 13.34
N LEU A 157 28.18 -5.16 14.06
CA LEU A 157 28.15 -6.64 13.94
C LEU A 157 27.62 -7.28 15.24
N GLY A 158 26.95 -8.43 15.13
CA GLY A 158 26.53 -9.18 16.32
C GLY A 158 26.49 -10.69 16.02
N VAL A 159 25.94 -11.45 16.97
CA VAL A 159 25.94 -12.90 16.96
C VAL A 159 24.54 -13.40 17.26
N SER A 160 24.29 -14.67 16.94
CA SER A 160 23.00 -15.23 17.21
C SER A 160 23.27 -16.65 17.62
N ASN A 161 22.51 -17.13 18.60
CA ASN A 161 22.63 -18.48 19.15
C ASN A 161 24.03 -18.76 19.64
N PHE A 162 24.69 -17.74 20.21
CA PHE A 162 25.98 -17.97 20.85
C PHE A 162 25.81 -18.12 22.35
N ASN A 163 26.54 -19.12 22.91
CA ASN A 163 26.78 -19.22 24.36
C ASN A 163 27.87 -18.27 24.87
N HIS A 164 28.00 -18.16 26.22
CA HIS A 164 28.85 -17.08 26.73
C HIS A 164 30.31 -17.44 26.53
N PHE A 165 30.63 -18.75 26.41
CA PHE A 165 32.02 -19.13 26.15
C PHE A 165 32.44 -18.76 24.76
N GLN A 166 31.51 -18.89 23.83
CA GLN A 166 31.72 -18.56 22.45
C GLN A 166 31.89 -17.04 22.30
N ILE A 167 31.12 -16.27 23.05
CA ILE A 167 31.28 -14.82 22.97
C ILE A 167 32.64 -14.41 23.57
N GLU A 168 33.01 -15.06 24.67
CA GLU A 168 34.34 -14.80 25.25
C GLU A 168 35.43 -15.00 24.25
N ARG A 169 35.34 -16.06 23.47
CA ARG A 169 36.31 -16.37 22.47
C ARG A 169 36.39 -15.28 21.41
N LEU A 170 35.21 -14.76 21.01
CA LEU A 170 35.16 -13.67 20.06
C LEU A 170 35.79 -12.43 20.71
N LEU A 171 35.44 -12.12 21.96
CA LEU A 171 35.96 -10.94 22.66
C LEU A 171 37.47 -11.01 22.86
N ASN A 172 37.98 -12.23 22.91
CA ASN A 172 39.41 -12.40 23.08
C ASN A 172 40.17 -12.76 21.86
N LYS A 173 39.54 -12.63 20.68
CA LYS A 173 40.18 -12.99 19.41
C LYS A 173 41.38 -12.04 19.17
N PRO A 174 42.58 -12.59 18.82
CA PRO A 174 43.75 -11.70 18.58
C PRO A 174 43.40 -10.71 17.46
N GLY A 175 43.66 -9.43 17.63
CA GLY A 175 43.42 -8.51 16.49
C GLY A 175 41.95 -8.06 16.32
N LEU A 176 41.05 -8.45 17.22
CA LEU A 176 39.64 -8.02 17.14
C LEU A 176 39.56 -6.51 16.89
N LYS A 177 38.71 -6.13 15.95
CA LYS A 177 38.53 -4.72 15.64
C LYS A 177 37.14 -4.19 16.08
N HIS A 178 36.08 -4.95 15.79
CA HIS A 178 34.71 -4.55 16.11
C HIS A 178 34.08 -5.57 17.04
N LYS A 179 33.77 -5.14 18.25
CA LYS A 179 33.18 -6.01 19.25
C LYS A 179 31.73 -6.28 18.85
N PRO A 180 31.22 -7.50 19.14
CA PRO A 180 29.77 -7.77 18.89
C PRO A 180 28.86 -6.85 19.70
N VAL A 181 27.77 -6.35 19.10
CA VAL A 181 26.87 -5.45 19.80
C VAL A 181 25.59 -6.11 20.30
N THR A 182 25.25 -7.32 19.75
CA THR A 182 24.04 -8.07 20.20
C THR A 182 24.25 -9.54 20.14
N ASN A 183 23.45 -10.31 20.91
CA ASN A 183 23.35 -11.74 20.74
C ASN A 183 21.84 -12.01 20.63
N GLN A 184 21.44 -12.63 19.54
CA GLN A 184 20.03 -12.83 19.28
C GLN A 184 19.79 -14.32 19.61
N VAL A 185 18.90 -14.57 20.55
CA VAL A 185 18.65 -15.93 20.93
C VAL A 185 17.22 -16.15 21.34
N GLU A 186 16.84 -17.41 21.31
CA GLU A 186 15.48 -17.81 21.68
C GLU A 186 15.21 -17.38 23.16
N CYS A 187 14.04 -16.79 23.41
CA CYS A 187 13.71 -16.31 24.75
C CYS A 187 12.23 -16.20 24.95
N HIS A 188 11.75 -16.81 26.03
CA HIS A 188 10.32 -16.87 26.41
C HIS A 188 10.27 -17.42 27.88
N PRO A 189 9.09 -17.45 28.52
CA PRO A 189 9.05 -17.88 29.94
C PRO A 189 9.57 -19.28 30.21
N TYR A 190 9.67 -20.13 29.19
CA TYR A 190 10.23 -21.47 29.40
C TYR A 190 11.73 -21.56 29.12
N LEU A 191 12.32 -20.47 28.61
CA LEU A 191 13.77 -20.35 28.37
C LEU A 191 14.11 -18.86 28.64
N THR A 192 14.14 -18.50 29.91
CA THR A 192 14.32 -17.11 30.35
C THR A 192 15.62 -16.43 30.04
N GLN A 193 16.65 -17.23 29.96
CA GLN A 193 17.99 -16.74 29.61
C GLN A 193 18.62 -15.81 30.69
N GLU A 194 18.34 -16.05 31.99
CA GLU A 194 18.78 -15.07 33.00
C GLU A 194 20.28 -14.91 32.98
N LYS A 195 20.98 -16.03 33.05
CA LYS A 195 22.44 -15.90 33.08
C LYS A 195 23.07 -15.37 31.79
N LEU A 196 22.60 -15.82 30.61
CA LEU A 196 23.09 -15.24 29.39
C LEU A 196 22.81 -13.73 29.23
N ILE A 197 21.58 -13.32 29.51
CA ILE A 197 21.25 -11.89 29.49
C ILE A 197 22.13 -11.11 30.47
N GLN A 198 22.28 -11.59 31.71
CA GLN A 198 23.20 -10.92 32.66
C GLN A 198 24.61 -10.77 32.09
N TYR A 199 25.11 -11.86 31.56
CA TYR A 199 26.47 -11.87 30.95
C TYR A 199 26.55 -10.88 29.78
N CYS A 200 25.61 -10.93 28.84
CA CYS A 200 25.71 -9.98 27.69
C CYS A 200 25.65 -8.53 28.14
N HIS A 201 24.65 -8.20 28.96
CA HIS A 201 24.52 -6.80 29.42
C HIS A 201 25.76 -6.22 30.11
N SER A 202 26.50 -7.09 30.80
CA SER A 202 27.71 -6.78 31.57
C SER A 202 28.93 -6.71 30.66
N LYS A 203 28.73 -7.05 29.35
CA LYS A 203 29.79 -7.14 28.37
C LYS A 203 29.57 -6.18 27.21
N GLY A 204 28.67 -5.22 27.35
CA GLY A 204 28.49 -4.25 26.28
C GLY A 204 27.63 -4.84 25.13
N ILE A 205 26.95 -5.95 25.38
CA ILE A 205 26.15 -6.57 24.33
C ILE A 205 24.67 -6.69 24.63
N ALA A 206 23.85 -6.06 23.80
CA ALA A 206 22.41 -6.11 23.94
C ALA A 206 21.84 -7.45 23.51
N VAL A 207 20.70 -7.84 24.04
CA VAL A 207 20.13 -9.12 23.62
C VAL A 207 18.88 -8.89 22.76
N ILE A 208 18.64 -9.80 21.83
CA ILE A 208 17.48 -9.76 20.94
C ILE A 208 16.75 -11.09 21.11
N ALA A 209 15.55 -11.09 21.67
CA ALA A 209 14.86 -12.36 21.89
C ALA A 209 13.86 -12.80 20.82
N TYR A 210 14.17 -13.89 20.14
CA TYR A 210 13.24 -14.38 19.14
C TYR A 210 12.42 -15.52 19.68
N SER A 211 11.41 -15.92 18.92
CA SER A 211 10.44 -16.92 19.39
CA SER A 211 10.45 -16.91 19.37
C SER A 211 9.80 -16.54 20.71
N PRO A 212 9.41 -15.26 20.89
CA PRO A 212 8.77 -14.91 22.13
C PRO A 212 7.38 -15.55 22.37
N LEU A 213 6.79 -16.05 21.27
CA LEU A 213 5.49 -16.69 21.36
C LEU A 213 5.63 -18.18 21.24
N GLY A 214 6.90 -18.62 21.32
CA GLY A 214 7.27 -20.03 21.16
C GLY A 214 7.15 -20.59 19.73
N SER A 215 7.14 -19.72 18.72
CA SER A 215 7.05 -20.18 17.34
C SER A 215 6.12 -21.37 17.09
N PRO A 216 4.81 -21.12 17.21
CA PRO A 216 3.75 -22.10 16.91
C PRO A 216 3.69 -22.50 15.41
N ASP A 217 4.29 -21.74 14.49
CA ASP A 217 4.35 -22.16 13.10
C ASP A 217 5.59 -22.99 12.79
N ARG A 218 6.39 -23.33 13.79
CA ARG A 218 7.60 -24.13 13.58
C ARG A 218 7.19 -25.41 12.86
N PRO A 219 8.08 -26.01 12.08
CA PRO A 219 7.66 -27.16 11.34
C PRO A 219 7.63 -28.48 12.11
N TYR A 220 8.45 -28.59 13.16
CA TYR A 220 8.54 -29.88 13.88
C TYR A 220 7.90 -29.83 15.27
N ALA A 221 6.91 -28.96 15.45
CA ALA A 221 6.17 -28.88 16.73
C ALA A 221 5.58 -30.26 17.03
N LYS A 222 5.64 -30.63 18.29
CA LYS A 222 5.06 -31.92 18.72
C LYS A 222 4.08 -31.65 19.85
N PRO A 223 3.07 -32.51 19.98
CA PRO A 223 2.11 -32.37 21.09
C PRO A 223 2.71 -32.35 22.50
N GLU A 224 3.83 -33.01 22.69
CA GLU A 224 4.45 -33.11 23.96
C GLU A 224 5.27 -31.87 24.33
N ASP A 225 5.56 -31.02 23.36
CA ASP A 225 6.28 -29.75 23.65
C ASP A 225 5.48 -28.81 24.56
N PRO A 226 6.17 -28.11 25.47
CA PRO A 226 5.58 -27.01 26.23
C PRO A 226 5.01 -25.99 25.26
N VAL A 227 3.94 -25.31 25.67
CA VAL A 227 3.23 -24.40 24.81
C VAL A 227 3.28 -22.99 25.43
N VAL A 228 4.21 -22.17 24.92
CA VAL A 228 4.38 -20.80 25.43
C VAL A 228 3.02 -20.04 25.47
N LEU A 229 2.25 -20.13 24.39
CA LEU A 229 1.05 -19.28 24.25
C LEU A 229 -0.10 -19.75 25.14
N GLU A 230 0.05 -20.94 25.74
CA GLU A 230 -1.00 -21.40 26.62
C GLU A 230 -0.63 -21.32 28.12
N ILE A 231 0.48 -20.65 28.45
CA ILE A 231 0.88 -20.65 29.88
C ILE A 231 -0.22 -20.01 30.76
N PRO A 232 -0.70 -20.73 31.81
CA PRO A 232 -1.83 -20.22 32.54
C PRO A 232 -1.64 -18.91 33.27
N LYS A 233 -0.50 -18.69 33.91
CA LYS A 233 -0.18 -17.43 34.54
C LYS A 233 -0.15 -16.22 33.55
N ILE A 234 0.06 -16.49 32.27
CA ILE A 234 0.14 -15.39 31.33
C ILE A 234 -1.27 -14.91 31.03
N LYS A 235 -2.23 -15.82 30.92
CA LYS A 235 -3.64 -15.40 30.73
C LYS A 235 -4.13 -14.53 31.90
N GLU A 236 -3.76 -14.93 33.12
CA GLU A 236 -4.07 -14.19 34.37
C GLU A 236 -3.59 -12.73 34.25
N ILE A 237 -2.32 -12.60 33.89
CA ILE A 237 -1.65 -11.31 33.88
C ILE A 237 -2.20 -10.47 32.73
N ALA A 238 -2.45 -11.12 31.58
CA ALA A 238 -3.05 -10.47 30.41
C ALA A 238 -4.41 -9.87 30.75
N ALA A 239 -5.26 -10.66 31.40
CA ALA A 239 -6.56 -10.19 31.81
C ALA A 239 -6.49 -8.97 32.73
N LYS A 240 -5.61 -9.00 33.72
CA LYS A 240 -5.45 -7.87 34.65
C LYS A 240 -5.05 -6.56 33.93
N HIS A 241 -4.10 -6.65 33.00
CA HIS A 241 -3.67 -5.47 32.26
C HIS A 241 -4.52 -5.06 31.06
N LYS A 242 -5.61 -5.82 30.80
CA LYS A 242 -6.45 -5.65 29.63
C LYS A 242 -5.56 -5.70 28.37
N LYS A 243 -4.67 -6.70 28.35
CA LYS A 243 -3.81 -6.92 27.18
C LYS A 243 -4.02 -8.31 26.60
N THR A 244 -3.45 -8.63 25.44
CA THR A 244 -3.54 -10.06 25.03
C THR A 244 -2.40 -10.89 25.60
N ILE A 245 -2.54 -12.21 25.57
CA ILE A 245 -1.46 -13.10 26.00
C ILE A 245 -0.12 -12.83 25.28
N ALA A 246 -0.16 -12.74 23.95
CA ALA A 246 1.02 -12.29 23.15
C ALA A 246 1.61 -10.93 23.61
N GLN A 247 0.76 -9.93 23.87
CA GLN A 247 1.32 -8.67 24.39
C GLN A 247 2.11 -8.78 25.71
N VAL A 248 1.59 -9.58 26.64
CA VAL A 248 2.33 -9.89 27.86
C VAL A 248 3.64 -10.61 27.54
N LEU A 249 3.58 -11.62 26.68
CA LEU A 249 4.79 -12.35 26.35
C LEU A 249 5.88 -11.45 25.71
N ILE A 250 5.44 -10.43 24.96
CA ILE A 250 6.36 -9.51 24.30
C ILE A 250 6.87 -8.46 25.28
N ARG A 251 5.95 -7.95 26.10
CA ARG A 251 6.31 -6.95 27.10
C ARG A 251 7.38 -7.51 28.02
N PHE A 252 7.21 -8.76 28.42
CA PHE A 252 8.17 -9.44 29.31
C PHE A 252 9.63 -9.17 28.91
N HIS A 253 9.94 -9.18 27.60
CA HIS A 253 11.27 -8.81 27.14
C HIS A 253 11.55 -7.35 27.20
N VAL A 254 10.63 -6.57 26.65
CA VAL A 254 10.84 -5.10 26.57
C VAL A 254 11.18 -4.58 27.98
N GLN A 255 10.51 -5.11 28.99
CA GLN A 255 10.65 -4.57 30.34
C GLN A 255 11.99 -4.99 30.95
N ARG A 256 12.63 -5.99 30.37
CA ARG A 256 14.01 -6.40 30.77
C ARG A 256 15.08 -5.70 29.93
N ASN A 257 14.64 -4.71 29.14
CA ASN A 257 15.45 -3.98 28.15
C ASN A 257 16.12 -4.92 27.19
N VAL A 258 15.37 -5.96 26.82
CA VAL A 258 15.77 -6.92 25.81
C VAL A 258 14.88 -6.69 24.60
N ALA A 259 15.48 -6.44 23.44
CA ALA A 259 14.70 -6.31 22.20
C ALA A 259 13.99 -7.60 21.83
N VAL A 260 12.88 -7.48 21.12
CA VAL A 260 12.12 -8.70 20.82
C VAL A 260 11.49 -8.60 19.41
N ILE A 261 11.49 -9.72 18.68
CA ILE A 261 11.12 -9.65 17.27
C ILE A 261 9.99 -10.68 16.94
N PRO A 262 8.80 -10.48 17.48
CA PRO A 262 7.69 -11.40 17.17
C PRO A 262 7.42 -11.38 15.65
N LYS A 263 7.24 -12.56 15.06
CA LYS A 263 6.95 -12.69 13.62
C LYS A 263 5.45 -12.80 13.46
N SER A 264 4.92 -12.01 12.55
CA SER A 264 3.55 -12.23 12.09
C SER A 264 3.41 -11.81 10.65
N VAL A 265 2.55 -12.52 9.91
CA VAL A 265 2.06 -11.99 8.64
C VAL A 265 0.59 -11.58 8.68
N THR A 266 -0.02 -11.56 9.88
CA THR A 266 -1.43 -11.24 10.06
C THR A 266 -1.60 -9.78 10.46
N LEU A 267 -2.25 -8.99 9.62
CA LEU A 267 -2.40 -7.54 9.99
C LEU A 267 -2.81 -7.21 11.46
N SER A 268 -3.85 -7.88 12.03
CA SER A 268 -4.27 -7.58 13.37
C SER A 268 -3.19 -7.91 14.39
N ARG A 269 -2.49 -9.00 14.17
CA ARG A 269 -1.46 -9.40 15.10
C ARG A 269 -0.22 -8.50 14.99
N ILE A 270 0.15 -8.12 13.77
CA ILE A 270 1.25 -7.12 13.58
C ILE A 270 0.96 -5.83 14.40
N LYS A 271 -0.25 -5.26 14.27
CA LYS A 271 -0.69 -4.11 15.08
C LYS A 271 -0.63 -4.35 16.59
N GLU A 272 -1.16 -5.51 17.00
CA GLU A 272 -1.29 -5.88 18.42
C GLU A 272 0.09 -5.95 19.08
N ASN A 273 1.06 -6.50 18.34
CA ASN A 273 2.35 -6.93 18.91
C ASN A 273 3.24 -5.77 19.31
N ILE A 274 3.00 -4.59 18.75
CA ILE A 274 3.80 -3.40 19.11
C ILE A 274 3.06 -2.51 20.10
N GLN A 275 1.82 -2.92 20.49
CA GLN A 275 1.02 -2.22 21.52
C GLN A 275 1.43 -2.62 22.94
N VAL A 276 2.69 -2.34 23.28
CA VAL A 276 3.28 -2.87 24.49
C VAL A 276 4.08 -1.80 25.29
N PHE A 277 3.91 -0.52 24.90
CA PHE A 277 4.57 0.62 25.58
C PHE A 277 3.52 1.49 26.31
N ASP A 278 2.47 0.83 26.80
CA ASP A 278 1.37 1.48 27.51
C ASP A 278 0.95 0.69 28.74
N PHE A 279 1.81 -0.20 29.21
CA PHE A 279 1.52 -0.87 30.47
C PHE A 279 2.81 -1.37 31.06
N GLN A 280 2.79 -1.66 32.36
CA GLN A 280 4.00 -2.18 33.04
C GLN A 280 3.65 -3.38 33.92
N LEU A 281 4.39 -4.47 33.72
CA LEU A 281 4.21 -5.69 34.54
C LEU A 281 4.74 -5.44 35.98
N SER A 282 4.02 -5.89 37.01
CA SER A 282 4.53 -5.66 38.40
C SER A 282 5.80 -6.47 38.69
N GLU A 283 6.46 -6.17 39.79
CA GLU A 283 7.55 -7.01 40.25
C GLU A 283 7.10 -8.43 40.45
N GLU A 284 5.91 -8.61 41.02
CA GLU A 284 5.38 -9.98 41.26
C GLU A 284 5.10 -10.66 39.93
N ASP A 285 4.49 -9.91 39.00
CA ASP A 285 4.25 -10.44 37.64
C ASP A 285 5.58 -10.93 36.99
N MET A 286 6.61 -10.10 37.02
CA MET A 286 7.90 -10.49 36.39
C MET A 286 8.53 -11.67 37.12
N ALA A 287 8.44 -11.64 38.44
CA ALA A 287 8.96 -12.71 39.28
C ALA A 287 8.20 -13.99 38.94
N ALA A 288 6.90 -13.88 38.69
CA ALA A 288 6.13 -15.05 38.35
C ALA A 288 6.45 -15.61 36.96
N ILE A 289 6.63 -14.71 36.01
CA ILE A 289 6.99 -15.20 34.65
C ILE A 289 8.35 -15.90 34.69
N LEU A 290 9.31 -15.31 35.38
CA LEU A 290 10.68 -15.85 35.46
C LEU A 290 10.76 -17.21 36.15
N SER A 291 9.85 -17.45 37.07
CA SER A 291 9.61 -18.77 37.66
C SER A 291 9.34 -19.90 36.73
N LEU A 292 8.81 -19.62 35.54
CA LEU A 292 8.41 -20.65 34.62
C LEU A 292 9.56 -21.30 33.90
N ASN A 293 10.76 -20.76 34.00
CA ASN A 293 11.88 -21.28 33.26
C ASN A 293 12.07 -22.81 33.37
N ARG A 294 12.19 -23.47 32.24
CA ARG A 294 12.56 -24.86 32.32
C ARG A 294 13.66 -25.23 31.36
N ASN A 295 14.38 -24.22 30.85
CA ASN A 295 15.51 -24.47 29.95
C ASN A 295 15.11 -25.28 28.72
N TRP A 296 13.92 -24.98 28.22
CA TRP A 296 13.39 -25.73 27.13
C TRP A 296 13.51 -24.92 25.84
N ARG A 297 14.20 -25.43 24.82
CA ARG A 297 14.36 -24.75 23.51
C ARG A 297 13.65 -25.46 22.42
N ALA A 298 12.98 -24.69 21.55
CA ALA A 298 12.38 -25.19 20.35
C ALA A 298 13.32 -25.01 19.15
N CYS A 299 14.27 -24.04 19.21
CA CYS A 299 14.94 -23.57 17.98
C CYS A 299 16.44 -23.81 17.99
N GLY A 300 16.97 -24.15 16.81
CA GLY A 300 18.38 -24.47 16.73
C GLY A 300 18.63 -25.57 15.70
N LEU A 301 19.86 -25.67 15.23
CA LEU A 301 20.23 -26.78 14.35
C LEU A 301 20.67 -28.00 15.16
N PHE A 302 19.72 -28.83 15.62
CA PHE A 302 20.03 -29.89 16.62
C PHE A 302 20.74 -31.13 16.12
N VAL A 303 20.66 -31.35 14.81
CA VAL A 303 21.28 -32.52 14.18
C VAL A 303 22.81 -32.44 14.25
N THR A 304 23.34 -31.20 14.37
CA THR A 304 24.79 -31.00 14.52
C THR A 304 25.31 -30.93 15.98
N SER A 305 24.54 -31.40 16.97
CA SER A 305 24.89 -31.33 18.41
C SER A 305 26.21 -31.98 18.81
N ASP A 306 26.71 -32.91 18.00
CA ASP A 306 27.97 -33.59 18.34
C ASP A 306 29.20 -33.06 17.61
N GLU A 307 29.01 -32.01 16.78
CA GLU A 307 30.09 -31.41 15.99
C GLU A 307 30.64 -30.24 16.79
N GLU A 308 31.84 -29.76 16.46
CA GLU A 308 32.39 -28.66 17.21
C GLU A 308 31.52 -27.43 17.19
N ASP A 309 31.60 -26.65 18.26
CA ASP A 309 30.96 -25.32 18.32
C ASP A 309 29.44 -25.34 18.40
N PHE A 310 28.90 -26.51 18.78
CA PHE A 310 27.47 -26.53 19.05
C PHE A 310 27.22 -25.68 20.30
N PRO A 311 26.22 -24.76 20.25
CA PRO A 311 26.10 -23.81 21.39
C PRO A 311 25.37 -24.26 22.64
N PHE A 312 24.54 -25.31 22.55
CA PHE A 312 23.51 -25.48 23.59
C PHE A 312 23.82 -26.52 24.65
N HIS A 313 25.03 -27.06 24.66
CA HIS A 313 25.44 -28.03 25.68
C HIS A 313 25.82 -27.33 27.00
N GLU A 314 26.37 -26.11 26.91
CA GLU A 314 26.80 -25.32 28.08
C GLU A 314 25.57 -24.83 28.82
N GLU A 315 25.70 -24.64 30.14
CA GLU A 315 24.58 -24.07 30.89
C GLU A 315 24.05 -22.73 30.25
N TYR A 316 24.98 -21.84 29.93
CA TYR A 316 24.62 -20.62 29.18
C TYR A 316 25.82 -20.09 28.37
N THR B 2 -19.09 -6.69 -23.52
CA THR B 2 -19.69 -6.82 -22.20
C THR B 2 -19.10 -5.82 -21.22
N THR B 3 -17.83 -5.48 -21.40
CA THR B 3 -17.14 -4.53 -20.52
C THR B 3 -17.30 -3.08 -21.05
N PHE B 4 -18.07 -2.89 -22.12
CA PHE B 4 -18.22 -1.58 -22.73
C PHE B 4 -19.67 -1.34 -23.07
N VAL B 5 -19.99 -0.09 -23.36
CA VAL B 5 -21.28 0.24 -23.96
C VAL B 5 -21.00 0.98 -25.25
N LYS B 6 -21.81 0.68 -26.26
CA LYS B 6 -21.67 1.34 -27.54
C LYS B 6 -22.39 2.68 -27.54
N LEU B 7 -21.66 3.69 -27.97
CA LEU B 7 -22.20 5.03 -28.13
C LEU B 7 -23.06 5.06 -29.35
N ARG B 8 -23.87 6.10 -29.50
CA ARG B 8 -24.67 6.29 -30.77
C ARG B 8 -23.83 6.09 -32.06
N THR B 9 -22.58 6.54 -32.01
CA THR B 9 -21.61 6.46 -33.13
C THR B 9 -20.92 5.08 -33.25
N LYS B 10 -21.41 4.10 -32.49
CA LYS B 10 -20.94 2.70 -32.45
C LYS B 10 -19.46 2.59 -32.13
N ALA B 11 -18.93 3.64 -31.53
CA ALA B 11 -17.69 3.60 -30.78
C ALA B 11 -17.96 2.96 -29.43
N LYS B 12 -17.04 2.11 -29.04
CA LYS B 12 -17.15 1.38 -27.73
C LYS B 12 -16.58 2.22 -26.59
N MET B 13 -17.35 2.44 -25.54
CA MET B 13 -16.84 3.21 -24.40
C MET B 13 -16.74 2.21 -23.27
N PRO B 14 -15.54 2.01 -22.76
CA PRO B 14 -15.39 1.15 -21.60
C PRO B 14 -16.24 1.56 -20.40
N LEU B 15 -16.93 0.65 -19.76
CA LEU B 15 -17.74 0.89 -18.55
C LEU B 15 -16.96 1.32 -17.31
N VAL B 16 -15.69 0.93 -17.25
CA VAL B 16 -14.90 1.35 -16.07
C VAL B 16 -13.72 2.21 -16.55
N GLY B 17 -13.57 3.40 -16.00
CA GLY B 17 -12.44 4.24 -16.38
C GLY B 17 -11.76 4.78 -15.11
N LEU B 18 -10.66 5.45 -15.33
CA LEU B 18 -9.91 6.07 -14.21
C LEU B 18 -10.20 7.57 -14.12
N GLY B 19 -10.73 7.94 -12.95
CA GLY B 19 -10.92 9.36 -12.63
C GLY B 19 -9.56 10.00 -12.23
N THR B 20 -9.40 11.29 -12.55
CA THR B 20 -8.15 11.99 -12.21
C THR B 20 -8.31 13.33 -11.50
N TRP B 21 -9.52 13.78 -11.20
CA TRP B 21 -9.66 14.99 -10.36
C TRP B 21 -9.00 14.78 -8.96
N LYS B 22 -8.08 15.65 -8.58
CA LYS B 22 -7.38 15.60 -7.27
C LYS B 22 -6.26 14.58 -7.23
N SER B 23 -5.93 13.97 -8.36
CA SER B 23 -4.73 13.12 -8.36
C SER B 23 -3.56 14.10 -8.47
N PRO B 24 -2.68 14.13 -7.44
CA PRO B 24 -1.57 15.13 -7.49
C PRO B 24 -0.73 14.90 -8.77
N PRO B 25 -0.33 16.01 -9.46
CA PRO B 25 0.50 15.87 -10.68
C PRO B 25 1.69 14.89 -10.49
N GLY B 26 2.30 14.89 -9.30
CA GLY B 26 3.43 14.06 -9.02
C GLY B 26 3.10 12.60 -8.76
N GLN B 27 1.81 12.26 -8.77
CA GLN B 27 1.38 10.91 -8.47
C GLN B 27 0.59 10.30 -9.60
N VAL B 28 0.09 11.14 -10.50
CA VAL B 28 -0.98 10.70 -11.46
C VAL B 28 -0.31 9.85 -12.55
N LYS B 29 0.94 10.18 -12.83
CA LYS B 29 1.60 9.49 -13.92
C LYS B 29 1.75 8.00 -13.61
N GLU B 30 2.21 7.65 -12.40
CA GLU B 30 2.28 6.24 -12.01
C GLU B 30 0.90 5.56 -11.92
N ALA B 31 -0.08 6.32 -11.44
CA ALA B 31 -1.48 5.88 -11.35
C ALA B 31 -2.00 5.44 -12.74
N VAL B 32 -1.79 6.32 -13.71
CA VAL B 32 -2.26 6.06 -15.09
C VAL B 32 -1.53 4.84 -15.70
N LYS B 33 -0.20 4.73 -15.54
CA LYS B 33 0.56 3.54 -16.01
C LYS B 33 0.09 2.23 -15.37
N ALA B 34 -0.09 2.26 -14.06
CA ALA B 34 -0.53 1.04 -13.36
C ALA B 34 -1.94 0.68 -13.85
N ALA B 35 -2.78 1.71 -14.05
CA ALA B 35 -4.17 1.56 -14.54
C ALA B 35 -4.21 0.85 -15.91
N ILE B 36 -3.37 1.32 -16.83
CA ILE B 36 -3.23 0.67 -18.17
C ILE B 36 -2.81 -0.80 -17.95
N ASP B 37 -1.79 -1.00 -17.15
CA ASP B 37 -1.39 -2.37 -16.85
C ASP B 37 -2.53 -3.24 -16.23
N ALA B 38 -3.41 -2.63 -15.41
CA ALA B 38 -4.53 -3.40 -14.85
C ALA B 38 -5.73 -3.54 -15.79
N GLY B 39 -5.62 -3.02 -17.00
CA GLY B 39 -6.66 -3.25 -18.02
C GLY B 39 -7.56 -2.02 -18.20
N TYR B 40 -7.27 -0.92 -17.51
CA TYR B 40 -8.06 0.30 -17.77
C TYR B 40 -7.78 0.82 -19.16
N ARG B 41 -8.84 1.23 -19.86
CA ARG B 41 -8.66 1.81 -21.19
C ARG B 41 -9.34 3.16 -21.28
N HIS B 42 -10.27 3.42 -20.36
CA HIS B 42 -11.03 4.71 -20.31
C HIS B 42 -10.37 5.66 -19.29
N PHE B 43 -10.04 6.91 -19.67
CA PHE B 43 -9.37 7.82 -18.74
C PHE B 43 -10.10 9.13 -18.81
N ASP B 44 -10.47 9.64 -17.63
CA ASP B 44 -11.24 10.86 -17.50
C ASP B 44 -10.32 11.97 -17.02
N CYS B 45 -10.24 13.03 -17.83
CA CYS B 45 -9.32 14.17 -17.56
C CYS B 45 -10.09 15.48 -17.68
N ALA B 46 -9.49 16.55 -17.14
CA ALA B 46 -10.06 17.85 -17.38
C ALA B 46 -8.96 18.91 -17.37
N TYR B 47 -9.19 19.93 -18.15
CA TYR B 47 -8.32 21.16 -18.18
C TYR B 47 -8.16 21.65 -16.74
N VAL B 48 -9.30 21.74 -16.04
CA VAL B 48 -9.35 22.22 -14.66
C VAL B 48 -8.64 21.37 -13.60
N TYR B 49 -8.32 20.12 -13.92
CA TYR B 49 -7.65 19.25 -12.92
C TYR B 49 -6.13 19.51 -12.88
N GLN B 50 -5.67 20.28 -13.87
CA GLN B 50 -4.29 20.77 -13.93
C GLN B 50 -3.22 19.68 -13.81
N ASN B 51 -3.53 18.51 -14.35
CA ASN B 51 -2.59 17.41 -14.30
C ASN B 51 -2.40 16.77 -15.68
N GLU B 52 -3.15 17.26 -16.67
CA GLU B 52 -3.23 16.60 -17.95
C GLU B 52 -1.86 16.30 -18.56
N SER B 53 -0.89 17.17 -18.29
CA SER B 53 0.43 16.94 -18.87
C SER B 53 1.01 15.60 -18.39
N GLU B 54 0.80 15.31 -17.10
CA GLU B 54 1.36 14.09 -16.48
C GLU B 54 0.56 12.91 -16.94
N VAL B 55 -0.76 13.09 -17.08
CA VAL B 55 -1.60 12.04 -17.69
C VAL B 55 -1.02 11.72 -19.08
N GLY B 56 -0.71 12.77 -19.86
CA GLY B 56 -0.20 12.62 -21.21
C GLY B 56 1.13 11.84 -21.29
N GLU B 57 2.04 12.09 -20.33
CA GLU B 57 3.32 11.38 -20.32
C GLU B 57 3.15 9.86 -20.10
N ALA B 58 2.26 9.47 -19.19
CA ALA B 58 2.03 8.03 -18.91
C ALA B 58 1.48 7.34 -20.16
N ILE B 59 0.48 7.96 -20.78
CA ILE B 59 -0.09 7.39 -21.99
C ILE B 59 0.99 7.26 -23.05
N GLN B 60 1.76 8.33 -23.22
CA GLN B 60 2.74 8.38 -24.31
C GLN B 60 3.78 7.28 -24.14
N GLU B 61 4.23 7.15 -22.92
CA GLU B 61 5.18 6.10 -22.55
C GLU B 61 4.64 4.68 -22.73
N LYS B 62 3.39 4.42 -22.33
CA LYS B 62 2.81 3.11 -22.50
C LYS B 62 2.64 2.76 -23.98
N ILE B 63 2.31 3.78 -24.78
CA ILE B 63 2.13 3.58 -26.22
C ILE B 63 3.48 3.27 -26.91
N LYS B 64 4.54 3.98 -26.51
CA LYS B 64 5.89 3.85 -27.11
C LYS B 64 6.47 2.48 -26.73
N GLU B 65 6.08 1.97 -25.55
CA GLU B 65 6.49 0.65 -25.06
C GLU B 65 5.62 -0.49 -25.62
N LYS B 66 4.66 -0.12 -26.46
CA LYS B 66 3.68 -1.04 -27.01
C LYS B 66 2.90 -1.79 -25.98
N ALA B 67 2.70 -1.21 -24.80
CA ALA B 67 1.84 -1.81 -23.75
C ALA B 67 0.36 -1.69 -24.10
N VAL B 68 0.02 -0.75 -24.98
CA VAL B 68 -1.36 -0.53 -25.42
C VAL B 68 -1.40 0.38 -26.64
N ARG B 69 -2.28 0.09 -27.60
CA ARG B 69 -2.36 0.94 -28.81
C ARG B 69 -3.25 2.16 -28.53
N ARG B 70 -3.05 3.27 -29.24
CA ARG B 70 -3.90 4.46 -29.10
C ARG B 70 -5.36 4.10 -29.37
N GLU B 71 -5.60 3.28 -30.37
CA GLU B 71 -6.99 2.91 -30.73
C GLU B 71 -7.71 2.11 -29.64
N ASP B 72 -6.98 1.49 -28.71
CA ASP B 72 -7.67 0.72 -27.65
C ASP B 72 -8.00 1.63 -26.47
N LEU B 73 -7.56 2.88 -26.53
CA LEU B 73 -7.84 3.82 -25.42
C LEU B 73 -9.05 4.70 -25.67
N PHE B 74 -9.72 5.08 -24.58
CA PHE B 74 -10.83 6.01 -24.69
C PHE B 74 -10.54 7.16 -23.77
N ILE B 75 -10.09 8.27 -24.34
CA ILE B 75 -9.58 9.42 -23.57
C ILE B 75 -10.60 10.52 -23.62
N VAL B 76 -11.01 10.93 -22.43
CA VAL B 76 -12.03 11.95 -22.33
C VAL B 76 -11.42 13.22 -21.73
N SER B 77 -11.66 14.39 -22.35
CA SER B 77 -11.42 15.65 -21.61
C SER B 77 -12.64 16.59 -21.71
N LYS B 78 -12.53 17.80 -21.13
CA LYS B 78 -13.69 18.66 -20.84
C LYS B 78 -13.30 20.13 -21.02
N LEU B 79 -14.18 20.86 -21.70
CA LEU B 79 -14.03 22.30 -21.90
C LEU B 79 -14.60 23.03 -20.68
N TRP B 80 -13.76 23.81 -20.01
CA TRP B 80 -14.27 24.63 -18.91
C TRP B 80 -15.13 25.87 -19.33
N SER B 81 -15.99 26.32 -18.42
CA SER B 81 -17.08 27.25 -18.73
C SER B 81 -16.58 28.66 -19.01
N THR B 82 -15.33 28.94 -18.64
CA THR B 82 -14.74 30.26 -18.93
C THR B 82 -14.24 30.36 -20.40
N PHE B 83 -14.39 29.28 -21.17
CA PHE B 83 -13.81 29.23 -22.52
C PHE B 83 -14.85 28.93 -23.60
N PHE B 84 -16.09 29.34 -23.39
CA PHE B 84 -17.15 29.08 -24.40
C PHE B 84 -17.02 29.90 -25.65
N GLU B 85 -16.41 31.06 -25.53
CA GLU B 85 -16.22 31.91 -26.71
C GLU B 85 -15.26 31.23 -27.70
N LYS B 86 -15.58 31.26 -29.00
CA LYS B 86 -14.95 30.35 -29.96
C LYS B 86 -13.42 30.43 -29.98
N SER B 87 -12.85 31.63 -29.89
CA SER B 87 -11.39 31.66 -29.98
C SER B 87 -10.78 31.13 -28.69
N LEU B 88 -11.48 31.32 -27.56
CA LEU B 88 -10.91 30.85 -26.32
C LEU B 88 -11.11 29.35 -26.19
N MET B 89 -12.20 28.85 -26.78
CA MET B 89 -12.48 27.40 -26.80
C MET B 89 -11.37 26.72 -27.57
N LYS B 90 -11.02 27.29 -28.72
CA LYS B 90 -9.91 26.74 -29.50
C LYS B 90 -8.60 26.66 -28.70
N GLU B 91 -8.22 27.73 -27.99
CA GLU B 91 -6.95 27.70 -27.25
C GLU B 91 -7.05 26.69 -26.11
N ALA B 92 -8.21 26.64 -25.45
CA ALA B 92 -8.37 25.80 -24.28
C ALA B 92 -8.21 24.38 -24.78
N PHE B 93 -8.84 24.08 -25.92
CA PHE B 93 -8.84 22.69 -26.42
C PHE B 93 -7.44 22.31 -26.85
N GLN B 94 -6.77 23.25 -27.54
CA GLN B 94 -5.37 23.00 -27.94
C GLN B 94 -4.43 22.75 -26.77
N LYS B 95 -4.65 23.48 -25.67
CA LYS B 95 -3.88 23.29 -24.46
C LYS B 95 -4.09 21.88 -23.90
N THR B 96 -5.35 21.45 -23.84
CA THR B 96 -5.68 20.10 -23.33
C THR B 96 -5.01 19.05 -24.20
N LEU B 97 -5.14 19.21 -25.52
CA LEU B 97 -4.66 18.21 -26.40
C LEU B 97 -3.13 18.14 -26.38
N SER B 98 -2.46 19.31 -26.40
CA SER B 98 -1.03 19.25 -26.43
C SER B 98 -0.50 18.78 -25.06
N ASP B 99 -1.15 19.15 -23.96
CA ASP B 99 -0.75 18.61 -22.63
C ASP B 99 -0.87 17.07 -22.63
N LEU B 100 -2.01 16.56 -23.06
CA LEU B 100 -2.23 15.09 -23.20
C LEU B 100 -1.30 14.39 -24.21
N LYS B 101 -0.63 15.23 -25.04
CA LYS B 101 0.25 14.81 -26.19
C LYS B 101 -0.43 13.80 -27.10
N LEU B 102 -1.69 14.07 -27.42
CA LEU B 102 -2.48 13.19 -28.29
C LEU B 102 -2.74 13.87 -29.63
N ASP B 103 -3.08 13.09 -30.64
CA ASP B 103 -3.56 13.64 -31.93
C ASP B 103 -5.06 13.90 -31.96
N TYR B 104 -5.79 13.25 -31.05
CA TYR B 104 -7.24 13.34 -30.97
C TYR B 104 -7.73 12.91 -29.60
N LEU B 105 -8.97 13.30 -29.26
CA LEU B 105 -9.66 12.79 -28.08
C LEU B 105 -10.82 11.97 -28.55
N ASP B 106 -11.14 10.97 -27.75
CA ASP B 106 -12.30 10.14 -28.04
C ASP B 106 -13.57 10.91 -27.72
N LEU B 107 -13.53 11.73 -26.67
CA LEU B 107 -14.76 12.36 -26.22
C LEU B 107 -14.35 13.68 -25.64
N TYR B 108 -15.04 14.74 -26.06
CA TYR B 108 -14.85 16.05 -25.46
C TYR B 108 -16.15 16.60 -24.90
N LEU B 109 -16.09 17.04 -23.64
CA LEU B 109 -17.34 17.35 -22.90
C LEU B 109 -17.48 18.84 -22.62
N ILE B 110 -18.72 19.33 -22.64
CA ILE B 110 -18.93 20.61 -22.00
C ILE B 110 -18.95 20.23 -20.49
N HIS B 111 -18.02 20.80 -19.70
CA HIS B 111 -17.81 20.44 -18.31
C HIS B 111 -19.00 20.85 -17.45
N TRP B 112 -19.52 22.02 -17.74
CA TRP B 112 -20.51 22.68 -16.86
C TRP B 112 -21.39 23.62 -17.75
N PRO B 113 -22.73 23.57 -17.62
CA PRO B 113 -23.62 24.26 -18.62
C PRO B 113 -23.58 25.81 -18.61
N GLN B 114 -23.27 26.44 -17.47
CA GLN B 114 -23.14 27.90 -17.39
C GLN B 114 -21.90 28.44 -18.10
N GLY B 115 -22.11 29.57 -18.79
CA GLY B 115 -21.01 30.30 -19.45
C GLY B 115 -20.49 31.24 -18.36
N LEU B 116 -19.21 31.09 -17.98
CA LEU B 116 -18.60 31.94 -16.94
C LEU B 116 -17.68 32.98 -17.63
N GLN B 117 -17.57 34.16 -17.01
CA GLN B 117 -16.82 35.26 -17.61
C GLN B 117 -15.37 34.84 -17.81
N ALA B 118 -14.87 35.11 -19.00
CA ALA B 118 -13.52 34.81 -19.33
C ALA B 118 -12.55 35.62 -18.46
N GLY B 119 -11.39 35.06 -18.21
CA GLY B 119 -10.33 35.74 -17.43
C GLY B 119 -9.53 34.62 -16.79
N LYS B 120 -8.78 34.92 -15.73
CA LYS B 120 -7.85 33.91 -15.24
C LYS B 120 -8.53 32.86 -14.36
N GLU B 121 -9.30 33.30 -13.36
CA GLU B 121 -9.95 32.37 -12.39
C GLU B 121 -10.98 31.46 -13.09
N PHE B 122 -10.99 30.18 -12.72
CA PHE B 122 -12.05 29.24 -13.17
C PHE B 122 -13.45 29.64 -12.74
N LEU B 123 -13.57 30.26 -11.56
CA LEU B 123 -14.88 30.73 -11.08
C LEU B 123 -14.79 32.20 -10.73
N PRO B 124 -14.92 33.09 -11.75
CA PRO B 124 -14.84 34.54 -11.45
C PRO B 124 -16.04 35.02 -10.59
N LYS B 125 -15.72 35.86 -9.60
CA LYS B 125 -16.69 36.40 -8.66
C LYS B 125 -16.31 37.86 -8.42
N ASP B 126 -17.26 38.80 -8.41
CA ASP B 126 -16.92 40.20 -8.05
C ASP B 126 -16.76 40.44 -6.52
N SER B 127 -16.61 41.72 -6.18
CA SER B 127 -16.39 42.17 -4.80
C SER B 127 -17.50 41.77 -3.84
N GLN B 128 -18.74 41.66 -4.34
CA GLN B 128 -19.86 41.18 -3.49
C GLN B 128 -20.06 39.65 -3.50
N GLY B 129 -19.16 38.90 -4.16
CA GLY B 129 -19.35 37.45 -4.38
C GLY B 129 -20.44 37.09 -5.42
N LYS B 130 -20.74 38.00 -6.36
CA LYS B 130 -21.68 37.67 -7.43
C LYS B 130 -20.83 36.86 -8.42
N VAL B 131 -21.25 35.65 -8.76
CA VAL B 131 -20.55 34.92 -9.82
C VAL B 131 -20.68 35.73 -11.12
N LEU B 132 -19.59 35.85 -11.89
CA LEU B 132 -19.64 36.58 -13.16
C LEU B 132 -19.83 35.69 -14.41
N MET B 133 -20.80 36.02 -15.24
CA MET B 133 -21.13 35.16 -16.41
C MET B 133 -20.62 35.68 -17.74
N SER B 134 -20.64 34.84 -18.77
CA SER B 134 -20.26 35.31 -20.12
C SER B 134 -21.48 35.43 -21.06
N LYS B 135 -21.30 36.21 -22.11
CA LYS B 135 -22.30 36.32 -23.17
C LYS B 135 -22.45 34.96 -23.85
N SER B 136 -21.32 34.28 -24.05
CA SER B 136 -21.25 33.00 -24.79
C SER B 136 -21.95 31.93 -23.96
N THR B 137 -22.57 30.96 -24.65
CA THR B 137 -23.39 29.95 -23.99
C THR B 137 -22.90 28.56 -24.38
N PHE B 138 -23.44 27.52 -23.75
CA PHE B 138 -23.05 26.19 -24.20
C PHE B 138 -23.36 25.89 -25.66
N LEU B 139 -24.33 26.59 -26.25
CA LEU B 139 -24.54 26.44 -27.72
C LEU B 139 -23.44 27.05 -28.56
N ASP B 140 -22.90 28.20 -28.15
CA ASP B 140 -21.79 28.77 -28.89
C ASP B 140 -20.63 27.79 -28.73
N ALA B 141 -20.44 27.24 -27.51
CA ALA B 141 -19.31 26.34 -27.28
C ALA B 141 -19.47 25.09 -28.18
N TRP B 142 -20.70 24.64 -28.31
CA TRP B 142 -20.95 23.39 -29.02
C TRP B 142 -20.55 23.59 -30.48
N GLU B 143 -20.85 24.78 -31.03
CA GLU B 143 -20.62 24.98 -32.47
C GLU B 143 -19.13 24.94 -32.77
N GLY B 144 -18.34 25.50 -31.87
CA GLY B 144 -16.87 25.35 -31.95
C GLY B 144 -16.40 23.89 -31.81
N MET B 145 -17.03 23.21 -30.87
CA MET B 145 -16.71 21.80 -30.63
C MET B 145 -17.03 20.94 -31.85
N GLU B 146 -18.14 21.21 -32.52
CA GLU B 146 -18.43 20.47 -33.78
C GLU B 146 -17.35 20.52 -34.91
N GLU B 147 -16.73 21.67 -35.01
CA GLU B 147 -15.60 21.88 -35.93
C GLU B 147 -14.43 20.93 -35.62
N LEU B 148 -14.19 20.67 -34.35
CA LEU B 148 -13.15 19.73 -33.92
C LEU B 148 -13.45 18.34 -34.39
N VAL B 149 -14.73 17.93 -34.32
CA VAL B 149 -15.14 16.60 -34.78
C VAL B 149 -14.94 16.52 -36.29
N ASP B 150 -15.35 17.56 -36.99
CA ASP B 150 -15.26 17.58 -38.48
C ASP B 150 -13.79 17.57 -38.92
N GLN B 151 -12.87 18.11 -38.10
CA GLN B 151 -11.44 18.06 -38.39
C GLN B 151 -10.71 16.81 -37.91
N GLY B 152 -11.42 15.90 -37.20
CA GLY B 152 -10.84 14.65 -36.76
C GLY B 152 -10.07 14.82 -35.45
N LEU B 153 -10.23 15.96 -34.80
CA LEU B 153 -9.54 16.24 -33.57
C LEU B 153 -10.25 15.57 -32.38
N VAL B 154 -11.54 15.34 -32.53
CA VAL B 154 -12.37 14.72 -31.46
C VAL B 154 -13.34 13.77 -32.12
N LYS B 155 -13.44 12.55 -31.59
CA LYS B 155 -14.31 11.56 -32.25
C LYS B 155 -15.78 11.82 -31.98
N ALA B 156 -16.08 12.30 -30.78
CA ALA B 156 -17.49 12.55 -30.43
C ALA B 156 -17.57 13.60 -29.30
N LEU B 157 -18.73 14.23 -29.19
CA LEU B 157 -18.93 15.26 -28.18
C LEU B 157 -19.96 14.82 -27.16
N GLY B 158 -19.86 15.38 -25.94
CA GLY B 158 -20.89 15.11 -24.95
C GLY B 158 -20.98 16.22 -23.97
N VAL B 159 -21.82 16.02 -22.97
CA VAL B 159 -22.08 17.03 -21.94
C VAL B 159 -21.81 16.48 -20.55
N SER B 160 -21.69 17.37 -19.56
CA SER B 160 -21.54 16.96 -18.18
C SER B 160 -22.34 17.90 -17.33
N ASN B 161 -22.92 17.37 -16.25
CA ASN B 161 -23.74 18.21 -15.37
C ASN B 161 -24.90 18.92 -16.08
N PHE B 162 -25.45 18.30 -17.13
CA PHE B 162 -26.61 18.87 -17.81
C PHE B 162 -27.92 18.17 -17.41
N ASN B 163 -29.00 18.95 -17.28
CA ASN B 163 -30.30 18.39 -16.95
C ASN B 163 -30.98 18.25 -18.30
N HIS B 164 -32.05 17.47 -18.32
CA HIS B 164 -32.75 17.10 -19.54
C HIS B 164 -33.11 18.32 -20.37
N PHE B 165 -33.63 19.35 -19.71
CA PHE B 165 -34.02 20.54 -20.44
C PHE B 165 -32.86 21.08 -21.28
N GLN B 166 -31.69 21.17 -20.66
CA GLN B 166 -30.48 21.66 -21.37
C GLN B 166 -30.04 20.76 -22.53
N ILE B 167 -30.10 19.46 -22.34
CA ILE B 167 -29.88 18.53 -23.44
C ILE B 167 -30.94 18.70 -24.54
N GLU B 168 -32.24 18.82 -24.20
CA GLU B 168 -33.27 19.10 -25.22
C GLU B 168 -32.92 20.37 -26.02
N ARG B 169 -32.47 21.39 -25.32
CA ARG B 169 -32.09 22.63 -25.96
C ARG B 169 -30.96 22.41 -26.93
N LEU B 170 -29.94 21.67 -26.53
CA LEU B 170 -28.92 21.28 -27.49
C LEU B 170 -29.51 20.45 -28.67
N LEU B 171 -30.38 19.46 -28.37
CA LEU B 171 -30.89 18.56 -29.41
C LEU B 171 -31.77 19.30 -30.45
N ASN B 172 -32.42 20.36 -29.99
CA ASN B 172 -33.25 21.16 -30.86
C ASN B 172 -32.56 22.36 -31.53
N LYS B 173 -31.29 22.63 -31.24
CA LYS B 173 -30.63 23.80 -31.85
C LYS B 173 -30.64 23.79 -33.38
N PRO B 174 -30.89 24.94 -34.02
CA PRO B 174 -30.88 24.88 -35.50
C PRO B 174 -29.46 24.58 -36.02
N GLY B 175 -29.39 23.75 -37.04
CA GLY B 175 -28.10 23.53 -37.71
C GLY B 175 -27.19 22.62 -36.90
N LEU B 176 -27.78 21.85 -35.99
CA LEU B 176 -27.03 20.87 -35.21
C LEU B 176 -26.30 19.87 -36.13
N LYS B 177 -24.99 19.71 -35.91
CA LYS B 177 -24.18 18.82 -36.75
C LYS B 177 -23.93 17.47 -36.04
N HIS B 178 -23.48 17.52 -34.79
CA HIS B 178 -23.24 16.32 -33.95
C HIS B 178 -24.07 16.27 -32.63
N LYS B 179 -24.75 15.17 -32.38
CA LYS B 179 -25.55 15.06 -31.14
C LYS B 179 -24.62 14.67 -30.01
N PRO B 180 -24.96 15.07 -28.74
CA PRO B 180 -24.16 14.59 -27.62
C PRO B 180 -24.26 13.06 -27.51
N VAL B 181 -23.17 12.39 -27.12
CA VAL B 181 -23.19 10.91 -27.04
C VAL B 181 -23.24 10.44 -25.61
N THR B 182 -22.96 11.36 -24.68
CA THR B 182 -22.93 11.05 -23.26
C THR B 182 -23.34 12.29 -22.46
N ASN B 183 -23.83 12.02 -21.27
CA ASN B 183 -23.94 13.00 -20.16
C ASN B 183 -23.18 12.42 -18.94
N GLN B 184 -22.14 13.11 -18.46
CA GLN B 184 -21.35 12.67 -17.30
C GLN B 184 -21.88 13.39 -16.06
N VAL B 185 -22.41 12.65 -15.09
CA VAL B 185 -23.08 13.26 -13.91
C VAL B 185 -22.67 12.46 -12.67
N GLU B 186 -22.77 13.08 -11.48
CA GLU B 186 -22.47 12.43 -10.24
C GLU B 186 -23.51 11.31 -10.09
N CYS B 187 -23.09 10.14 -9.59
CA CYS B 187 -24.08 9.12 -9.38
C CYS B 187 -23.52 8.12 -8.37
N HIS B 188 -24.40 7.72 -7.46
CA HIS B 188 -24.04 6.87 -6.33
C HIS B 188 -25.37 6.52 -5.61
N PRO B 189 -25.37 5.64 -4.60
CA PRO B 189 -26.70 5.30 -4.01
C PRO B 189 -27.46 6.50 -3.39
N TYR B 190 -26.75 7.62 -3.07
CA TYR B 190 -27.41 8.81 -2.48
C TYR B 190 -27.92 9.76 -3.56
N LEU B 191 -27.55 9.48 -4.81
CA LEU B 191 -27.93 10.28 -5.96
C LEU B 191 -28.07 9.35 -7.16
N THR B 192 -29.22 8.65 -7.25
CA THR B 192 -29.38 7.51 -8.22
C THR B 192 -29.71 7.88 -9.68
N GLN B 193 -30.12 9.14 -9.92
CA GLN B 193 -30.28 9.70 -11.27
C GLN B 193 -31.23 8.88 -12.11
N GLU B 194 -32.24 8.28 -11.47
CA GLU B 194 -33.17 7.41 -12.16
C GLU B 194 -33.80 8.07 -13.36
N LYS B 195 -34.43 9.24 -13.17
CA LYS B 195 -35.06 9.93 -14.34
C LYS B 195 -34.09 10.45 -15.38
N LEU B 196 -32.95 10.99 -14.94
CA LEU B 196 -31.98 11.47 -15.93
C LEU B 196 -31.40 10.31 -16.76
N ILE B 197 -31.15 9.17 -16.10
CA ILE B 197 -30.61 8.04 -16.81
C ILE B 197 -31.66 7.58 -17.83
N GLN B 198 -32.91 7.42 -17.39
CA GLN B 198 -34.00 7.06 -18.31
C GLN B 198 -34.14 7.98 -19.54
N TYR B 199 -34.15 9.29 -19.28
CA TYR B 199 -34.17 10.25 -20.32
C TYR B 199 -32.97 10.11 -21.26
N CYS B 200 -31.76 10.09 -20.72
CA CYS B 200 -30.57 9.99 -21.60
C CYS B 200 -30.68 8.73 -22.46
N HIS B 201 -30.94 7.59 -21.82
CA HIS B 201 -31.03 6.37 -22.61
C HIS B 201 -32.08 6.51 -23.70
N SER B 202 -33.23 7.14 -23.38
CA SER B 202 -34.30 7.32 -24.39
C SER B 202 -33.84 8.12 -25.58
N LYS B 203 -32.79 8.93 -25.42
CA LYS B 203 -32.31 9.76 -26.53
C LYS B 203 -31.03 9.18 -27.13
N GLY B 204 -30.68 7.94 -26.75
CA GLY B 204 -29.47 7.32 -27.32
C GLY B 204 -28.19 7.97 -26.76
N ILE B 205 -28.31 8.58 -25.59
CA ILE B 205 -27.17 9.19 -24.90
C ILE B 205 -26.74 8.35 -23.69
N ALA B 206 -25.52 7.82 -23.71
CA ALA B 206 -24.97 6.99 -22.65
C ALA B 206 -24.70 7.87 -21.42
N VAL B 207 -24.61 7.25 -20.26
CA VAL B 207 -24.32 8.03 -19.05
C VAL B 207 -23.01 7.57 -18.47
N ILE B 208 -22.27 8.51 -17.92
CA ILE B 208 -21.08 8.25 -17.14
C ILE B 208 -21.19 8.85 -15.72
N ALA B 209 -21.20 8.01 -14.70
CA ALA B 209 -21.47 8.55 -13.35
C ALA B 209 -20.12 8.94 -12.78
N TYR B 210 -19.99 10.18 -12.32
CA TYR B 210 -18.75 10.62 -11.66
C TYR B 210 -18.90 10.44 -10.15
N SER B 211 -17.78 10.52 -9.43
CA SER B 211 -17.79 10.37 -7.98
C SER B 211 -18.65 9.26 -7.43
N PRO B 212 -18.42 8.06 -7.92
CA PRO B 212 -19.19 6.88 -7.47
C PRO B 212 -18.95 6.54 -6.01
N LEU B 213 -17.81 6.95 -5.46
CA LEU B 213 -17.44 6.64 -4.05
C LEU B 213 -17.80 7.81 -3.12
N GLY B 214 -18.55 8.78 -3.65
CA GLY B 214 -18.96 9.96 -2.85
C GLY B 214 -17.81 10.94 -2.68
N SER B 215 -16.76 10.78 -3.49
CA SER B 215 -15.66 11.70 -3.49
C SER B 215 -15.02 12.15 -2.12
N PRO B 216 -14.67 11.18 -1.28
CA PRO B 216 -14.30 11.49 0.14
C PRO B 216 -13.09 12.40 0.28
N ASP B 217 -12.25 12.49 -0.76
CA ASP B 217 -11.13 13.49 -0.77
C ASP B 217 -11.53 14.90 -1.22
N ARG B 218 -12.81 15.19 -1.53
CA ARG B 218 -13.15 16.56 -1.99
C ARG B 218 -12.76 17.49 -0.86
N PRO B 219 -12.03 18.58 -1.20
CA PRO B 219 -11.42 19.35 -0.10
C PRO B 219 -12.43 20.10 0.76
N TYR B 220 -13.69 20.17 0.33
CA TYR B 220 -14.73 20.94 1.07
C TYR B 220 -15.72 20.04 1.85
N ALA B 221 -15.43 18.76 1.93
CA ALA B 221 -16.24 17.83 2.71
C ALA B 221 -16.41 18.33 4.16
N LYS B 222 -17.65 18.32 4.66
CA LYS B 222 -17.89 18.64 6.08
C LYS B 222 -18.36 17.38 6.84
N PRO B 223 -18.11 17.34 8.18
CA PRO B 223 -18.34 16.09 8.97
C PRO B 223 -19.79 15.60 8.99
N GLU B 224 -20.74 16.47 8.68
CA GLU B 224 -22.16 16.07 8.63
C GLU B 224 -22.64 15.69 7.21
N ASP B 225 -21.75 15.66 6.21
CA ASP B 225 -22.12 15.18 4.86
C ASP B 225 -22.30 13.68 4.93
N PRO B 226 -23.25 13.10 4.15
CA PRO B 226 -23.25 11.62 4.07
C PRO B 226 -21.95 11.09 3.47
N VAL B 227 -21.61 9.85 3.77
CA VAL B 227 -20.33 9.30 3.39
C VAL B 227 -20.68 8.04 2.59
N VAL B 228 -20.45 8.12 1.29
CA VAL B 228 -20.92 7.05 0.39
C VAL B 228 -20.17 5.75 0.73
N LEU B 229 -18.89 5.89 1.08
CA LEU B 229 -18.07 4.74 1.35
C LEU B 229 -18.45 3.98 2.64
N GLU B 230 -19.33 4.58 3.44
CA GLU B 230 -19.78 3.95 4.67
C GLU B 230 -21.26 3.64 4.67
N ILE B 231 -21.90 3.67 3.51
CA ILE B 231 -23.30 3.24 3.43
C ILE B 231 -23.54 1.82 4.03
N PRO B 232 -24.40 1.72 5.07
CA PRO B 232 -24.47 0.38 5.70
C PRO B 232 -24.95 -0.76 4.81
N LYS B 233 -25.98 -0.53 3.98
CA LYS B 233 -26.48 -1.63 3.08
C LYS B 233 -25.35 -2.13 2.14
N ILE B 234 -24.49 -1.19 1.71
CA ILE B 234 -23.39 -1.55 0.80
C ILE B 234 -22.31 -2.37 1.53
N LYS B 235 -21.93 -1.99 2.76
CA LYS B 235 -21.03 -2.88 3.52
C LYS B 235 -21.63 -4.30 3.69
N GLU B 236 -22.95 -4.39 3.93
CA GLU B 236 -23.56 -5.73 4.12
C GLU B 236 -23.49 -6.52 2.80
N ILE B 237 -23.96 -5.90 1.70
CA ILE B 237 -23.88 -6.54 0.37
C ILE B 237 -22.45 -6.93 -0.02
N ALA B 238 -21.48 -6.09 0.30
CA ALA B 238 -20.08 -6.35 -0.01
C ALA B 238 -19.64 -7.61 0.71
N ALA B 239 -20.01 -7.73 1.98
CA ALA B 239 -19.63 -8.91 2.78
C ALA B 239 -20.24 -10.23 2.25
N LYS B 240 -21.48 -10.14 1.78
CA LYS B 240 -22.18 -11.26 1.24
C LYS B 240 -21.49 -11.84 0.00
N HIS B 241 -21.10 -10.93 -0.90
CA HIS B 241 -20.30 -11.19 -2.11
C HIS B 241 -18.79 -11.41 -1.94
N LYS B 242 -18.28 -11.12 -0.75
CA LYS B 242 -16.83 -11.15 -0.52
C LYS B 242 -16.08 -10.17 -1.46
N LYS B 243 -16.61 -8.96 -1.60
CA LYS B 243 -16.00 -7.90 -2.41
C LYS B 243 -15.81 -6.68 -1.54
N THR B 244 -15.06 -5.69 -2.03
CA THR B 244 -14.93 -4.48 -1.27
C THR B 244 -16.16 -3.59 -1.46
N ILE B 245 -16.30 -2.65 -0.53
CA ILE B 245 -17.37 -1.66 -0.57
C ILE B 245 -17.27 -0.90 -1.90
N ALA B 246 -16.06 -0.48 -2.27
CA ALA B 246 -15.89 0.23 -3.55
C ALA B 246 -16.31 -0.63 -4.77
N GLN B 247 -15.95 -1.92 -4.75
CA GLN B 247 -16.33 -2.82 -5.87
C GLN B 247 -17.84 -2.90 -6.01
N VAL B 248 -18.57 -2.92 -4.90
CA VAL B 248 -20.00 -2.96 -4.97
C VAL B 248 -20.49 -1.63 -5.52
N LEU B 249 -19.87 -0.51 -5.09
CA LEU B 249 -20.32 0.83 -5.53
C LEU B 249 -20.12 1.04 -7.03
N ILE B 250 -19.07 0.43 -7.54
CA ILE B 250 -18.69 0.52 -8.90
C ILE B 250 -19.56 -0.42 -9.75
N ARG B 251 -19.69 -1.67 -9.31
CA ARG B 251 -20.59 -2.63 -9.96
C ARG B 251 -22.05 -2.15 -10.12
N PHE B 252 -22.57 -1.50 -9.08
CA PHE B 252 -23.87 -0.87 -9.15
C PHE B 252 -24.09 -0.11 -10.50
N HIS B 253 -23.12 0.75 -10.92
CA HIS B 253 -23.25 1.44 -12.21
C HIS B 253 -23.10 0.51 -13.41
N VAL B 254 -22.04 -0.32 -13.38
CA VAL B 254 -21.78 -1.30 -14.47
C VAL B 254 -23.08 -2.06 -14.77
N GLN B 255 -23.76 -2.47 -13.71
CA GLN B 255 -24.92 -3.30 -13.85
C GLN B 255 -26.16 -2.50 -14.36
N ARG B 256 -26.11 -1.14 -14.36
CA ARG B 256 -27.22 -0.37 -14.95
C ARG B 256 -26.84 0.15 -16.34
N ASN B 257 -25.78 -0.43 -16.90
CA ASN B 257 -25.16 -0.06 -18.17
C ASN B 257 -24.73 1.41 -18.21
N VAL B 258 -24.24 1.92 -17.10
CA VAL B 258 -23.73 3.30 -16.97
C VAL B 258 -22.21 3.13 -16.71
N ALA B 259 -21.38 3.80 -17.51
CA ALA B 259 -19.92 3.85 -17.33
C ALA B 259 -19.61 4.54 -15.99
N VAL B 260 -18.50 4.22 -15.35
CA VAL B 260 -18.24 4.80 -14.05
C VAL B 260 -16.73 5.02 -13.92
N ILE B 261 -16.36 6.15 -13.33
CA ILE B 261 -14.96 6.58 -13.33
C ILE B 261 -14.34 6.84 -11.93
N PRO B 262 -14.15 5.78 -11.15
CA PRO B 262 -13.57 6.00 -9.80
C PRO B 262 -12.18 6.55 -9.92
N LYS B 263 -11.89 7.52 -9.08
CA LYS B 263 -10.53 8.09 -9.01
C LYS B 263 -9.74 7.37 -7.95
N SER B 264 -8.52 6.95 -8.30
CA SER B 264 -7.54 6.58 -7.23
C SER B 264 -6.12 6.84 -7.73
N VAL B 265 -5.22 7.14 -6.78
CA VAL B 265 -3.77 7.09 -7.07
C VAL B 265 -3.02 5.99 -6.27
N THR B 266 -3.77 5.08 -5.64
CA THR B 266 -3.26 3.95 -4.85
C THR B 266 -3.30 2.69 -5.75
N LEU B 267 -2.13 2.13 -6.04
CA LEU B 267 -2.04 0.99 -6.97
C LEU B 267 -2.97 -0.20 -6.63
N SER B 268 -3.05 -0.54 -5.35
CA SER B 268 -3.88 -1.66 -4.89
C SER B 268 -5.37 -1.35 -5.15
N ARG B 269 -5.79 -0.09 -4.95
CA ARG B 269 -7.18 0.32 -5.18
C ARG B 269 -7.49 0.39 -6.70
N ILE B 270 -6.57 1.01 -7.47
CA ILE B 270 -6.68 0.98 -8.93
C ILE B 270 -6.93 -0.43 -9.43
N LYS B 271 -6.17 -1.43 -8.95
CA LYS B 271 -6.43 -2.82 -9.41
C LYS B 271 -7.78 -3.34 -8.94
N GLU B 272 -8.13 -3.07 -7.68
CA GLU B 272 -9.40 -3.61 -7.16
C GLU B 272 -10.61 -3.03 -7.90
N ASN B 273 -10.55 -1.75 -8.20
CA ASN B 273 -11.70 -1.01 -8.71
C ASN B 273 -12.17 -1.52 -10.06
N ILE B 274 -11.29 -2.20 -10.80
CA ILE B 274 -11.70 -2.72 -12.11
C ILE B 274 -12.12 -4.20 -12.01
N GLN B 275 -12.05 -4.78 -10.82
CA GLN B 275 -12.41 -6.24 -10.72
C GLN B 275 -13.90 -6.31 -10.41
N VAL B 276 -14.72 -5.87 -11.37
CA VAL B 276 -16.18 -5.77 -11.15
C VAL B 276 -16.98 -6.54 -12.26
N PHE B 277 -16.33 -7.45 -12.93
CA PHE B 277 -17.06 -8.11 -14.00
C PHE B 277 -17.20 -9.59 -13.71
N ASP B 278 -16.81 -10.03 -12.52
CA ASP B 278 -16.97 -11.45 -12.17
C ASP B 278 -17.99 -11.71 -11.02
N PHE B 279 -18.90 -10.77 -10.83
CA PHE B 279 -19.99 -10.99 -9.85
C PHE B 279 -21.18 -10.21 -10.30
N GLN B 280 -22.37 -10.56 -9.80
CA GLN B 280 -23.60 -9.96 -10.23
C GLN B 280 -24.38 -9.67 -8.98
N LEU B 281 -24.85 -8.44 -8.86
CA LEU B 281 -25.69 -8.01 -7.76
C LEU B 281 -27.11 -8.58 -8.04
N SER B 282 -27.78 -9.15 -7.02
CA SER B 282 -29.18 -9.63 -7.22
C SER B 282 -30.15 -8.51 -7.57
N GLU B 283 -31.27 -8.84 -8.17
CA GLU B 283 -32.24 -7.80 -8.51
C GLU B 283 -32.78 -7.18 -7.22
N GLU B 284 -32.96 -8.00 -6.19
CA GLU B 284 -33.30 -7.49 -4.83
C GLU B 284 -32.29 -6.46 -4.26
N ASP B 285 -30.99 -6.75 -4.30
CA ASP B 285 -29.95 -5.82 -3.91
C ASP B 285 -29.83 -4.57 -4.76
N MET B 286 -29.97 -4.70 -6.09
CA MET B 286 -30.05 -3.48 -6.93
C MET B 286 -31.18 -2.57 -6.45
N ALA B 287 -32.35 -3.18 -6.26
CA ALA B 287 -33.52 -2.43 -5.82
C ALA B 287 -33.30 -1.78 -4.46
N ALA B 288 -32.63 -2.52 -3.59
CA ALA B 288 -32.33 -2.06 -2.23
C ALA B 288 -31.41 -0.83 -2.30
N ILE B 289 -30.37 -0.93 -3.11
CA ILE B 289 -29.43 0.21 -3.28
C ILE B 289 -30.18 1.44 -3.80
N LEU B 290 -31.00 1.25 -4.80
CA LEU B 290 -31.77 2.34 -5.39
C LEU B 290 -32.65 3.05 -4.37
N SER B 291 -33.14 2.27 -3.39
CA SER B 291 -34.09 2.81 -2.45
C SER B 291 -33.36 3.81 -1.52
N LEU B 292 -32.02 3.76 -1.52
CA LEU B 292 -31.20 4.72 -0.70
C LEU B 292 -31.14 6.18 -1.23
N ASN B 293 -31.68 6.44 -2.43
CA ASN B 293 -31.62 7.81 -2.99
C ASN B 293 -32.09 8.95 -2.03
N ARG B 294 -31.21 9.92 -1.83
CA ARG B 294 -31.48 11.14 -1.00
C ARG B 294 -31.42 12.44 -1.78
N ASN B 295 -31.20 12.37 -3.09
CA ASN B 295 -30.88 13.56 -3.89
C ASN B 295 -29.71 14.39 -3.30
N TRP B 296 -28.70 13.69 -2.79
CA TRP B 296 -27.56 14.39 -2.24
C TRP B 296 -26.38 14.48 -3.21
N ARG B 297 -25.86 15.69 -3.40
CA ARG B 297 -24.71 15.93 -4.27
C ARG B 297 -23.44 16.31 -3.52
N ALA B 298 -22.39 15.50 -3.61
CA ALA B 298 -20.98 15.91 -3.35
C ALA B 298 -20.49 17.10 -4.24
N CYS B 299 -20.98 17.18 -5.49
CA CYS B 299 -20.51 18.20 -6.46
C CYS B 299 -21.69 19.04 -6.95
N GLY B 300 -22.24 19.88 -6.05
CA GLY B 300 -23.48 20.66 -6.34
C GLY B 300 -23.13 22.00 -6.93
N LEU B 301 -21.94 22.50 -6.59
CA LEU B 301 -21.48 23.82 -7.01
C LEU B 301 -22.46 24.99 -6.69
N PHE B 302 -23.12 24.93 -5.53
CA PHE B 302 -24.31 25.76 -5.28
C PHE B 302 -23.99 27.26 -5.20
N VAL B 303 -22.70 27.61 -5.23
CA VAL B 303 -22.28 29.02 -5.24
C VAL B 303 -22.76 29.73 -6.52
N THR B 304 -22.97 28.97 -7.60
CA THR B 304 -23.40 29.53 -8.88
C THR B 304 -24.93 29.38 -9.06
N SER B 305 -25.64 28.98 -8.00
CA SER B 305 -27.03 28.56 -8.18
C SER B 305 -28.05 29.70 -8.40
N ASP B 306 -27.64 30.94 -8.16
CA ASP B 306 -28.46 32.14 -8.48
C ASP B 306 -28.43 32.62 -9.95
N GLU B 307 -27.48 32.10 -10.73
CA GLU B 307 -27.32 32.54 -12.07
C GLU B 307 -27.99 31.57 -13.04
N GLU B 308 -28.30 32.11 -14.21
CA GLU B 308 -28.96 31.36 -15.25
C GLU B 308 -28.22 30.09 -15.63
N ASP B 309 -28.97 29.08 -16.08
CA ASP B 309 -28.41 27.82 -16.59
C ASP B 309 -27.79 26.97 -15.48
N PHE B 310 -28.01 27.32 -14.21
CA PHE B 310 -27.69 26.40 -13.14
C PHE B 310 -28.47 25.12 -13.38
N PRO B 311 -27.78 23.97 -13.39
CA PRO B 311 -28.47 22.71 -13.80
C PRO B 311 -29.35 21.95 -12.76
N PHE B 312 -29.12 22.16 -11.46
CA PHE B 312 -29.62 21.25 -10.43
C PHE B 312 -30.94 21.65 -9.75
N HIS B 313 -31.60 22.74 -10.18
CA HIS B 313 -32.90 23.13 -9.55
C HIS B 313 -34.05 22.26 -10.13
N GLU B 314 -33.93 21.89 -11.40
CA GLU B 314 -34.98 21.11 -12.06
C GLU B 314 -35.02 19.71 -11.49
N GLU B 315 -36.16 19.02 -11.66
CA GLU B 315 -36.34 17.67 -11.19
C GLU B 315 -35.21 16.75 -11.68
N TYR B 316 -34.86 16.84 -12.98
CA TYR B 316 -33.81 16.06 -13.58
C TYR B 316 -33.45 16.69 -14.91
PA NAP C . 7.24 -16.25 17.15
O1A NAP C . 7.35 -16.51 18.53
O2A NAP C . 7.50 -14.95 16.66
O5B NAP C . 5.86 -16.78 16.67
C5B NAP C . 5.35 -16.67 15.36
C4B NAP C . 3.98 -17.32 15.25
O4B NAP C . 3.08 -16.77 16.14
C3B NAP C . 3.35 -17.28 13.86
O3B NAP C . 2.72 -18.50 13.60
C2B NAP C . 2.26 -16.24 14.02
O2B NAP C . 1.21 -16.38 13.11
C1B NAP C . 1.93 -16.30 15.53
N9A NAP C . 1.61 -15.00 16.12
C8A NAP C . 2.19 -13.82 15.95
N7A NAP C . 1.58 -12.89 16.67
C5A NAP C . 0.63 -13.47 17.34
C6A NAP C . -0.35 -13.04 18.24
N6A NAP C . -0.44 -11.79 18.67
N1A NAP C . -1.17 -13.96 18.72
C2A NAP C . -1.09 -15.19 18.31
N3A NAP C . -0.20 -15.63 17.50
C4A NAP C . 0.65 -14.81 16.97
O3 NAP C . 8.20 -17.24 16.40
PN NAP C . 9.46 -17.13 15.37
O1N NAP C . 9.12 -16.68 14.01
O2N NAP C . 10.21 -18.41 15.45
O5D NAP C . 10.52 -16.04 15.93
C5D NAP C . 10.45 -14.66 15.74
C4D NAP C . 11.48 -14.26 14.65
O4D NAP C . 12.76 -14.38 15.21
C3D NAP C . 11.58 -14.99 13.34
O3D NAP C . 10.63 -14.65 12.38
C2D NAP C . 12.93 -14.45 12.90
O2D NAP C . 12.86 -13.09 12.50
C1D NAP C . 13.70 -14.60 14.22
N1N NAP C . 14.40 -15.87 14.53
C2N NAP C . 15.74 -15.93 14.54
C3N NAP C . 16.38 -17.11 14.83
C7N NAP C . 17.87 -17.30 14.86
O7N NAP C . 18.62 -16.43 14.94
N7N NAP C . 18.27 -18.50 14.76
C4N NAP C . 15.63 -18.23 15.11
C5N NAP C . 14.25 -18.16 15.11
C6N NAP C . 13.67 -16.94 14.82
P2B NAP C . 1.05 -15.48 11.86
O1X NAP C . 2.36 -15.20 11.31
O2X NAP C . 0.25 -16.36 11.05
O3X NAP C . 0.24 -14.41 12.26
PA NAP D . -14.50 9.26 -6.24
O1A NAP D . -15.91 9.07 -5.72
O2A NAP D . -13.92 8.42 -7.34
O5B NAP D . -13.60 8.93 -4.96
C5B NAP D . -12.19 9.09 -5.02
C4B NAP D . -11.62 8.91 -3.60
O4B NAP D . -11.89 7.59 -3.11
C3B NAP D . -10.11 9.14 -3.38
O3B NAP D . -9.95 9.74 -2.06
C2B NAP D . -9.55 7.73 -3.41
O2B NAP D . -8.35 7.67 -2.60
C1B NAP D . -10.68 6.93 -2.75
N9A NAP D . -10.77 5.52 -3.19
C8A NAP D . -10.56 5.08 -4.43
N7A NAP D . -10.73 3.75 -4.48
C5A NAP D . -11.02 3.32 -3.23
C6A NAP D . -11.27 2.06 -2.70
N6A NAP D . -11.24 0.96 -3.51
N1A NAP D . -11.56 1.97 -1.34
C2A NAP D . -11.57 3.08 -0.56
N3A NAP D . -11.29 4.31 -1.05
C4A NAP D . -11.04 4.46 -2.40
O3 NAP D . -14.22 10.84 -6.38
PN NAP D . -14.07 11.84 -7.56
O1N NAP D . -12.63 12.03 -7.84
O2N NAP D . -14.93 13.03 -7.19
O5D NAP D . -14.89 11.28 -8.79
C5D NAP D . -14.34 10.32 -9.76
C4D NAP D . -13.86 11.04 -11.02
O4D NAP D . -14.98 11.57 -11.73
C3D NAP D . -12.99 12.28 -10.76
O3D NAP D . -11.65 11.94 -10.38
C2D NAP D . -13.10 12.96 -12.13
O2D NAP D . -12.32 12.31 -13.19
C1D NAP D . -14.61 12.82 -12.36
N1N NAP D . -15.43 13.97 -11.90
C2N NAP D . -16.07 14.73 -12.86
C3N NAP D . -16.82 15.86 -12.48
C7N NAP D . -17.57 16.69 -13.49
O7N NAP D . -18.06 17.75 -13.10
N7N NAP D . -17.73 16.24 -14.73
C4N NAP D . -16.96 16.18 -11.13
C5N NAP D . -16.31 15.40 -10.17
C6N NAP D . -15.56 14.32 -10.60
P2B NAP D . -6.89 7.54 -3.31
O1X NAP D . -6.64 6.07 -3.48
O2X NAP D . -6.85 8.34 -4.59
O3X NAP D . -6.01 8.16 -2.22
#